data_6WEZ
#
_entry.id   6WEZ
#
_cell.length_a   130.842
_cell.length_b   130.842
_cell.length_c   189.344
_cell.angle_alpha   90.000
_cell.angle_beta   90.000
_cell.angle_gamma   120.000
#
_symmetry.space_group_name_H-M   'P 63'
#
loop_
_entity.id
_entity.type
_entity.pdbx_description
1 polymer Hemagglutinin
2 polymer Hemagglutinin
3 polymer 'heavy chain'
4 polymer 'light chain'
5 branched beta-D-mannopyranose-(1-4)-2-acetamido-2-deoxy-beta-D-glucopyranose-(1-4)-2-acetamido-2-deoxy-beta-D-glucopyranose
6 branched 2-acetamido-2-deoxy-beta-D-glucopyranose-(1-4)-2-acetamido-2-deoxy-beta-D-glucopyranose
7 non-polymer GLYCEROL
#
loop_
_entity_poly.entity_id
_entity_poly.type
_entity_poly.pdbx_seq_one_letter_code
_entity_poly.pdbx_strand_id
1 'polypeptide(L)'
;ADPGATLCLGHHAVPNGTIVKTITNDQIEVTNATELVQNSSIGEICDSPHQILDGENCTLIDALLGDPQCDGFQNKKWDL
FVERSKAYSNCYPYDVPDYASLRSLVASSGTLEFNNESFNWTGVTQNGTSSACIRRSNNSFFSRLNWLTHLNFKYPALNV
TMPNNEQFDKLYIWGVHHPGTDKDQIFLYAQSSGRITVSTKRSQQAVIPNIGSRPRIRNIPSRISIYWTIVKPGDILLIN
STGNLIAPRGYFKIRSGKSSIMRSDAPIGKCNSECITPNGSIPNDKPFQNVNRITYGACPRYVKQSTLKLATGMRNVPE
;
A
2 'polypeptide(L)'
;GIFGAIAGFIENGWEGMVDGWYGFRHQNSEGRGQAADLKSTQAAIDQINGKLNRLIGKTNEKFHQIEKEFSEVEGRIQDL
EKYVEDTKIDLWSYNAELLVALENQHTIDLTDSEMNKLFEKTKKQLRENAEDMGNGCFKIYHKCDNACIGSIRNGTYDHD
VYRDEALNNRFQIKGV
;
B
3 'polypeptide(L)'
;QVQLLESGGGVVQPGRSLRLSCAASGFTFSNYGMHWVRQAPGKGLEWVAIISFDGSKKYYANSVKGRSTISRDNSKNTLS
LQMNSLGPEDTALYYCAKLPSPYYFDSRFVWVAASAFHFWGQGILVTVSSASTKGPSVFPLAPSSKSTSGGTAALGCLVK
DYFPEPVTVSWNSGALTSGVHTFPAVLQSSGLYSLSSVVTVPSSSLGTQTYICNVNHKPSNTKVDKRVEPKSCDK
;
H
4 'polypeptide(L)'
;MLTQPPSASGTPGQRVTISCSGSSSNIGGNTVHWFQQLPGTAPKLLIYTNSLRPSGVPDRFSGSKSGTSASLAISGLQSE
DEADYYCAAWDNSLNGQVFGGGTKLTVLGQPKAAPSVTLFPPSSEELQANKATLVCLISDFYPGAVTVAWKADSSPVKAG
VETTTPSKQSNNKYAASSYLSLTPEQWKSHRSYSCQVTHEGSTVEKTVAPTEC
;
L
#
loop_
_chem_comp.id
_chem_comp.type
_chem_comp.name
_chem_comp.formula
BMA D-saccharide, beta linking beta-D-mannopyranose 'C6 H12 O6'
GOL non-polymer GLYCEROL 'C3 H8 O3'
NAG D-saccharide, beta linking 2-acetamido-2-deoxy-beta-D-glucopyranose 'C8 H15 N O6'
#
# COMPACT_ATOMS: atom_id res chain seq x y z
N PRO A 3 -18.13 59.24 7.15
CA PRO A 3 -18.16 59.34 8.60
C PRO A 3 -17.61 58.10 9.31
N GLY A 4 -18.36 57.00 9.27
CA GLY A 4 -17.93 55.76 9.88
C GLY A 4 -18.56 54.58 9.16
N ALA A 5 -17.84 53.46 9.15
CA ALA A 5 -18.27 52.23 8.50
C ALA A 5 -18.45 51.11 9.52
N THR A 6 -19.21 50.10 9.13
CA THR A 6 -19.44 48.93 9.96
C THR A 6 -18.82 47.69 9.31
N LEU A 7 -18.45 46.72 10.15
CA LEU A 7 -17.75 45.52 9.71
C LEU A 7 -18.26 44.33 10.49
N CYS A 8 -18.80 43.33 9.79
CA CYS A 8 -19.43 42.18 10.43
C CYS A 8 -18.57 40.93 10.25
N LEU A 9 -18.64 40.06 11.27
CA LEU A 9 -17.98 38.76 11.25
C LEU A 9 -19.04 37.67 11.24
N GLY A 10 -18.92 36.72 10.31
CA GLY A 10 -19.92 35.69 10.20
C GLY A 10 -19.35 34.41 9.62
N HIS A 11 -20.21 33.39 9.58
CA HIS A 11 -19.87 32.10 8.99
C HIS A 11 -20.94 31.72 7.98
N HIS A 12 -20.65 30.69 7.19
CA HIS A 12 -21.55 30.30 6.11
C HIS A 12 -22.65 29.39 6.63
N ALA A 13 -23.53 28.97 5.73
CA ALA A 13 -24.62 28.06 6.05
C ALA A 13 -25.12 27.43 4.76
N VAL A 14 -26.06 26.49 4.90
CA VAL A 14 -26.63 25.79 3.75
C VAL A 14 -28.11 25.61 3.96
N PRO A 15 -28.88 25.59 2.87
CA PRO A 15 -30.34 25.44 3.01
C PRO A 15 -30.77 24.07 3.51
N ASN A 16 -29.99 23.02 3.25
CA ASN A 16 -30.35 21.66 3.66
C ASN A 16 -29.17 21.03 4.40
N GLY A 17 -29.10 21.27 5.71
CA GLY A 17 -28.15 20.57 6.55
C GLY A 17 -28.65 19.19 6.92
N THR A 18 -27.88 18.53 7.77
CA THR A 18 -28.24 17.20 8.27
C THR A 18 -28.17 17.20 9.79
N ILE A 19 -28.95 16.33 10.40
CA ILE A 19 -29.02 16.26 11.86
C ILE A 19 -28.01 15.24 12.34
N VAL A 20 -27.29 15.59 13.41
CA VAL A 20 -26.35 14.71 14.08
C VAL A 20 -26.62 14.79 15.58
N LYS A 21 -25.80 14.07 16.34
CA LYS A 21 -25.95 13.97 17.79
C LYS A 21 -24.63 14.32 18.46
N THR A 22 -24.71 15.08 19.56
CA THR A 22 -23.56 15.43 20.37
C THR A 22 -23.88 15.19 21.84
N ILE A 23 -23.03 15.69 22.74
CA ILE A 23 -23.30 15.55 24.17
C ILE A 23 -24.35 16.57 24.62
N THR A 24 -24.23 17.82 24.16
CA THR A 24 -25.17 18.85 24.57
C THR A 24 -26.55 18.62 23.99
N ASN A 25 -26.62 18.29 22.70
CA ASN A 25 -27.89 18.20 21.98
C ASN A 25 -28.06 16.79 21.43
N ASP A 26 -29.23 16.19 21.68
CA ASP A 26 -29.56 14.92 21.06
C ASP A 26 -29.64 15.06 19.54
N GLN A 27 -30.20 16.17 19.07
CA GLN A 27 -30.33 16.42 17.64
C GLN A 27 -29.92 17.87 17.37
N ILE A 28 -28.93 18.05 16.51
CA ILE A 28 -28.45 19.38 16.14
C ILE A 28 -28.07 19.36 14.67
N GLU A 29 -28.31 20.46 13.97
CA GLU A 29 -28.15 20.51 12.52
C GLU A 29 -26.79 21.09 12.15
N VAL A 30 -26.10 20.41 11.23
CA VAL A 30 -24.79 20.83 10.73
C VAL A 30 -24.85 20.88 9.20
N THR A 31 -23.78 21.43 8.62
CA THR A 31 -23.74 21.63 7.18
C THR A 31 -23.74 20.30 6.45
N ASN A 32 -22.83 19.41 6.81
CA ASN A 32 -22.72 18.14 6.12
C ASN A 32 -22.14 17.10 7.07
N ALA A 33 -22.48 15.84 6.82
CA ALA A 33 -22.08 14.76 7.70
C ALA A 33 -21.99 13.46 6.91
N THR A 34 -21.25 12.50 7.45
CA THR A 34 -21.02 11.23 6.79
C THR A 34 -21.52 10.09 7.67
N GLU A 35 -22.05 9.05 7.02
CA GLU A 35 -22.52 7.87 7.72
C GLU A 35 -21.33 6.97 8.07
N LEU A 36 -21.27 6.49 9.30
CA LEU A 36 -20.20 5.61 9.76
C LEU A 36 -20.64 4.17 9.92
N VAL A 37 -21.91 3.86 9.67
CA VAL A 37 -22.46 2.52 9.86
C VAL A 37 -22.84 1.98 8.50
N GLN A 38 -21.96 1.18 7.92
CA GLN A 38 -22.29 0.47 6.70
C GLN A 38 -23.46 -0.45 6.95
N ASN A 39 -24.57 -0.20 6.26
CA ASN A 39 -25.78 -0.99 6.45
C ASN A 39 -26.32 -1.58 5.17
N SER A 40 -25.70 -1.32 4.03
CA SER A 40 -26.12 -1.86 2.75
C SER A 40 -25.06 -2.82 2.22
N SER A 41 -25.52 -3.85 1.51
CA SER A 41 -24.63 -4.76 0.80
C SER A 41 -25.20 -5.04 -0.58
N ILE A 42 -24.30 -5.46 -1.47
CA ILE A 42 -24.70 -5.80 -2.83
C ILE A 42 -25.64 -7.01 -2.82
N GLY A 43 -25.15 -8.13 -2.31
CA GLY A 43 -25.96 -9.34 -2.26
C GLY A 43 -25.17 -10.53 -2.74
N GLU A 44 -23.94 -10.29 -3.18
CA GLU A 44 -23.08 -11.32 -3.70
C GLU A 44 -21.72 -11.26 -3.02
N ILE A 45 -21.02 -12.40 -3.04
CA ILE A 45 -19.70 -12.55 -2.43
C ILE A 45 -18.65 -12.36 -3.52
N CYS A 46 -17.62 -11.59 -3.20
CA CYS A 46 -16.58 -11.28 -4.17
C CYS A 46 -15.47 -12.33 -4.11
N ASP A 47 -15.08 -12.84 -5.27
CA ASP A 47 -14.11 -13.93 -5.36
C ASP A 47 -12.69 -13.49 -5.01
N SER A 48 -12.43 -12.21 -4.89
CA SER A 48 -11.11 -11.68 -4.55
C SER A 48 -11.25 -10.73 -3.37
N PRO A 49 -10.19 -10.52 -2.59
CA PRO A 49 -8.85 -11.11 -2.70
C PRO A 49 -8.72 -12.48 -2.02
N HIS A 50 -9.72 -12.88 -1.25
CA HIS A 50 -9.69 -14.16 -0.56
C HIS A 50 -10.11 -15.28 -1.51
N GLN A 51 -9.43 -16.42 -1.41
CA GLN A 51 -9.79 -17.57 -2.23
C GLN A 51 -11.04 -18.22 -1.67
N ILE A 52 -12.08 -18.32 -2.50
CA ILE A 52 -13.38 -18.81 -2.07
C ILE A 52 -13.63 -20.18 -2.68
N LEU A 53 -14.29 -21.06 -1.93
CA LEU A 53 -14.64 -22.39 -2.41
C LEU A 53 -16.15 -22.58 -2.21
N ASP A 54 -16.93 -22.37 -3.26
CA ASP A 54 -18.38 -22.55 -3.21
C ASP A 54 -18.70 -24.04 -3.25
N GLY A 55 -18.82 -24.66 -2.07
CA GLY A 55 -19.18 -26.06 -1.99
C GLY A 55 -20.66 -26.31 -1.99
N GLU A 56 -21.34 -25.77 -3.01
CA GLU A 56 -22.81 -25.68 -3.07
C GLU A 56 -23.68 -26.88 -2.70
N ASN A 57 -23.51 -28.09 -3.19
CA ASN A 57 -24.38 -29.15 -2.66
C ASN A 57 -23.76 -29.99 -1.56
N CYS A 58 -22.61 -29.59 -1.05
CA CYS A 58 -21.78 -30.41 -0.19
C CYS A 58 -21.44 -29.64 1.08
N THR A 59 -21.36 -30.35 2.19
CA THR A 59 -20.78 -29.77 3.39
C THR A 59 -19.29 -30.06 3.40
N LEU A 60 -18.58 -29.35 4.28
CA LEU A 60 -17.14 -29.58 4.39
C LEU A 60 -16.85 -31.01 4.83
N ILE A 61 -17.68 -31.56 5.71
CA ILE A 61 -17.47 -32.92 6.18
C ILE A 61 -17.72 -33.93 5.06
N ASP A 62 -18.73 -33.68 4.23
CA ASP A 62 -18.98 -34.57 3.10
C ASP A 62 -17.80 -34.57 2.13
N ALA A 63 -17.29 -33.40 1.78
CA ALA A 63 -16.11 -33.34 0.94
C ALA A 63 -14.92 -34.00 1.61
N LEU A 64 -14.83 -33.89 2.94
CA LEU A 64 -13.76 -34.53 3.68
C LEU A 64 -13.81 -36.04 3.53
N LEU A 65 -14.90 -36.65 3.99
CA LEU A 65 -15.06 -38.10 3.90
C LEU A 65 -15.00 -38.56 2.44
N GLY A 66 -15.58 -37.80 1.53
CA GLY A 66 -15.58 -38.17 0.14
C GLY A 66 -16.94 -38.59 -0.39
N ASP A 67 -17.98 -37.89 0.05
CA ASP A 67 -19.31 -38.07 -0.53
C ASP A 67 -19.21 -37.94 -2.05
N PRO A 68 -19.78 -38.88 -2.81
CA PRO A 68 -19.46 -38.95 -4.26
C PRO A 68 -19.81 -37.68 -5.02
N GLN A 69 -20.79 -36.91 -4.56
CA GLN A 69 -21.10 -35.64 -5.22
C GLN A 69 -20.06 -34.57 -4.96
N CYS A 70 -19.10 -34.82 -4.08
CA CYS A 70 -18.12 -33.81 -3.67
C CYS A 70 -16.72 -34.10 -4.21
N ASP A 71 -16.60 -35.02 -5.16
CA ASP A 71 -15.28 -35.41 -5.65
C ASP A 71 -14.51 -34.25 -6.27
N GLY A 72 -15.20 -33.14 -6.58
CA GLY A 72 -14.49 -31.97 -7.08
C GLY A 72 -13.54 -31.39 -6.06
N PHE A 73 -13.91 -31.43 -4.78
CA PHE A 73 -13.14 -30.76 -3.74
C PHE A 73 -11.93 -31.56 -3.28
N GLN A 74 -11.61 -32.68 -3.93
CA GLN A 74 -10.44 -33.46 -3.53
C GLN A 74 -9.18 -32.62 -3.61
N ASN A 75 -8.45 -32.56 -2.50
CA ASN A 75 -7.14 -31.93 -2.39
C ASN A 75 -7.16 -30.42 -2.65
N LYS A 76 -8.34 -29.80 -2.66
CA LYS A 76 -8.41 -28.37 -2.89
C LYS A 76 -8.18 -27.61 -1.60
N LYS A 77 -7.61 -26.41 -1.73
CA LYS A 77 -7.41 -25.50 -0.62
C LYS A 77 -8.37 -24.33 -0.76
N TRP A 78 -8.38 -23.46 0.24
CA TRP A 78 -9.33 -22.35 0.27
C TRP A 78 -8.93 -21.37 1.37
N ASP A 79 -9.65 -20.25 1.39
CA ASP A 79 -9.63 -19.29 2.48
C ASP A 79 -10.95 -19.18 3.20
N LEU A 80 -12.06 -19.25 2.46
CA LEU A 80 -13.40 -19.24 3.05
C LEU A 80 -14.23 -20.29 2.34
N PHE A 81 -14.80 -21.21 3.12
CA PHE A 81 -15.71 -22.22 2.60
C PHE A 81 -17.14 -21.75 2.78
N VAL A 82 -17.90 -21.76 1.69
CA VAL A 82 -19.28 -21.28 1.69
C VAL A 82 -20.21 -22.50 1.69
N GLU A 83 -20.90 -22.73 2.81
CA GLU A 83 -21.87 -23.82 2.91
C GLU A 83 -23.26 -23.29 2.57
N ARG A 84 -23.94 -23.99 1.66
CA ARG A 84 -25.25 -23.56 1.21
C ARG A 84 -26.36 -24.23 2.02
N SER A 85 -27.52 -23.58 2.05
CA SER A 85 -28.68 -24.14 2.71
C SER A 85 -29.32 -25.27 1.91
N LYS A 86 -28.92 -25.45 0.66
CA LYS A 86 -29.37 -26.58 -0.16
C LYS A 86 -28.49 -27.81 0.01
N ALA A 87 -27.40 -27.71 0.78
CA ALA A 87 -26.49 -28.84 0.93
C ALA A 87 -27.20 -30.03 1.56
N TYR A 88 -26.82 -31.22 1.11
CA TYR A 88 -27.40 -32.46 1.60
C TYR A 88 -26.41 -33.58 1.35
N SER A 89 -26.48 -34.61 2.19
CA SER A 89 -25.64 -35.78 2.08
C SER A 89 -26.40 -36.89 1.36
N ASN A 90 -25.69 -37.66 0.54
CA ASN A 90 -26.32 -38.70 -0.24
C ASN A 90 -25.66 -40.06 -0.08
N CYS A 91 -24.58 -40.16 0.69
CA CYS A 91 -23.85 -41.40 0.86
C CYS A 91 -24.42 -42.16 2.06
N TYR A 92 -23.68 -43.16 2.55
CA TYR A 92 -24.07 -43.94 3.72
C TYR A 92 -24.43 -43.01 4.88
N PRO A 93 -25.50 -43.30 5.62
CA PRO A 93 -25.86 -42.47 6.78
C PRO A 93 -24.78 -42.53 7.84
N TYR A 94 -24.48 -41.37 8.42
CA TYR A 94 -23.44 -41.28 9.44
C TYR A 94 -23.75 -40.16 10.41
N ASP A 95 -22.95 -40.09 11.47
CA ASP A 95 -22.97 -38.98 12.41
C ASP A 95 -21.56 -38.81 12.97
N VAL A 96 -21.27 -37.62 13.45
CA VAL A 96 -19.93 -37.32 13.94
C VAL A 96 -20.02 -36.79 15.37
N PRO A 97 -19.58 -37.55 16.38
CA PRO A 97 -19.44 -36.97 17.72
C PRO A 97 -18.43 -35.84 17.69
N ASP A 98 -18.81 -34.71 18.28
CA ASP A 98 -18.03 -33.47 18.17
C ASP A 98 -17.96 -33.00 16.71
N TYR A 99 -19.11 -33.02 16.04
CA TYR A 99 -19.18 -32.59 14.65
C TYR A 99 -18.65 -31.17 14.48
N ALA A 100 -19.11 -30.26 15.34
CA ALA A 100 -18.70 -28.87 15.22
C ALA A 100 -17.19 -28.72 15.37
N SER A 101 -16.58 -29.49 16.26
CA SER A 101 -15.15 -29.34 16.50
C SER A 101 -14.34 -29.81 15.30
N LEU A 102 -14.73 -30.94 14.70
CA LEU A 102 -14.03 -31.39 13.50
C LEU A 102 -14.24 -30.41 12.37
N ARG A 103 -15.47 -29.91 12.20
CA ARG A 103 -15.73 -28.91 11.17
C ARG A 103 -14.86 -27.69 11.37
N SER A 104 -14.74 -27.21 12.61
CA SER A 104 -13.97 -26.01 12.89
C SER A 104 -12.49 -26.22 12.62
N LEU A 105 -11.95 -27.38 13.04
CA LEU A 105 -10.51 -27.59 12.87
C LEU A 105 -10.17 -27.82 11.40
N VAL A 106 -11.03 -28.53 10.67
CA VAL A 106 -10.83 -28.70 9.23
C VAL A 106 -10.92 -27.36 8.51
N ALA A 107 -11.88 -26.52 8.90
CA ALA A 107 -12.03 -25.21 8.28
C ALA A 107 -10.79 -24.36 8.53
N SER A 108 -10.33 -24.27 9.78
CA SER A 108 -9.15 -23.47 10.07
C SER A 108 -7.91 -24.05 9.39
N SER A 109 -7.90 -25.35 9.12
CA SER A 109 -6.82 -25.94 8.33
C SER A 109 -6.79 -25.33 6.94
N GLY A 110 -7.94 -25.27 6.28
CA GLY A 110 -8.03 -24.64 4.98
C GLY A 110 -7.53 -25.47 3.82
N THR A 111 -7.46 -26.78 3.97
CA THR A 111 -6.98 -27.65 2.90
C THR A 111 -7.57 -29.04 3.09
N LEU A 112 -7.90 -29.68 1.97
CA LEU A 112 -8.23 -31.10 1.92
C LEU A 112 -7.11 -31.91 1.30
N GLU A 113 -5.87 -31.42 1.36
CA GLU A 113 -4.71 -32.17 0.89
C GLU A 113 -4.68 -33.55 1.52
N PHE A 114 -4.80 -34.57 0.69
CA PHE A 114 -4.89 -35.95 1.15
C PHE A 114 -3.77 -36.76 0.52
N ASN A 115 -3.01 -37.46 1.37
CA ASN A 115 -1.93 -38.32 0.91
C ASN A 115 -2.26 -39.75 1.33
N ASN A 116 -2.43 -40.63 0.34
CA ASN A 116 -2.72 -42.03 0.61
C ASN A 116 -1.53 -42.70 1.30
N GLU A 117 -1.84 -43.67 2.16
CA GLU A 117 -0.83 -44.49 2.80
C GLU A 117 -1.22 -45.95 2.69
N SER A 118 -0.23 -46.83 2.68
CA SER A 118 -0.42 -48.24 2.36
C SER A 118 -0.37 -49.05 3.65
N PHE A 119 -1.54 -49.24 4.26
CA PHE A 119 -1.67 -50.11 5.42
C PHE A 119 -1.67 -51.57 4.99
N ASN A 120 -1.20 -52.43 5.88
CA ASN A 120 -1.09 -53.87 5.59
C ASN A 120 -2.35 -54.57 6.13
N TRP A 121 -3.45 -54.40 5.40
CA TRP A 121 -4.70 -55.08 5.74
C TRP A 121 -4.67 -56.53 5.26
N THR A 122 -3.73 -57.29 5.82
CA THR A 122 -3.62 -58.70 5.50
C THR A 122 -4.69 -59.48 6.25
N GLY A 123 -5.47 -60.27 5.50
CA GLY A 123 -6.46 -61.15 6.09
C GLY A 123 -7.89 -60.68 6.03
N VAL A 124 -8.16 -59.54 5.37
CA VAL A 124 -9.51 -58.98 5.31
C VAL A 124 -9.82 -58.54 3.89
N THR A 125 -11.11 -58.31 3.64
CA THR A 125 -11.60 -57.89 2.33
C THR A 125 -11.74 -56.36 2.31
N GLN A 126 -10.86 -55.70 1.57
CA GLN A 126 -10.90 -54.26 1.49
C GLN A 126 -11.97 -53.79 0.50
N ASN A 127 -12.17 -52.47 0.47
CA ASN A 127 -12.96 -51.77 -0.55
C ASN A 127 -14.42 -52.22 -0.61
N GLY A 128 -15.03 -52.40 0.56
CA GLY A 128 -16.47 -52.63 0.60
C GLY A 128 -17.25 -51.44 0.07
N THR A 129 -18.42 -51.73 -0.50
CA THR A 129 -19.26 -50.70 -1.13
C THR A 129 -20.69 -50.84 -0.62
N SER A 130 -21.56 -49.97 -1.12
CA SER A 130 -22.96 -49.94 -0.72
C SER A 130 -23.79 -49.29 -1.82
N SER A 131 -25.09 -49.56 -1.76
CA SER A 131 -26.06 -49.11 -2.76
C SER A 131 -26.67 -47.75 -2.45
N ALA A 132 -26.41 -47.21 -1.26
CA ALA A 132 -26.80 -45.84 -0.99
C ALA A 132 -25.77 -44.86 -1.53
N CYS A 133 -24.49 -45.22 -1.44
CA CYS A 133 -23.39 -44.38 -1.90
C CYS A 133 -23.10 -44.70 -3.36
N ILE A 134 -23.83 -44.04 -4.25
CA ILE A 134 -23.76 -44.32 -5.69
C ILE A 134 -22.71 -43.43 -6.32
N ARG A 135 -21.71 -44.05 -6.94
CA ARG A 135 -20.65 -43.32 -7.63
C ARG A 135 -20.54 -43.84 -9.06
N ARG A 136 -20.87 -42.99 -10.03
CA ARG A 136 -20.83 -43.33 -11.46
C ARG A 136 -21.64 -44.59 -11.76
N SER A 137 -22.91 -44.55 -11.38
CA SER A 137 -23.88 -45.61 -11.65
C SER A 137 -23.48 -46.94 -11.04
N ASN A 138 -22.55 -46.95 -10.09
CA ASN A 138 -22.08 -48.17 -9.45
C ASN A 138 -22.19 -48.03 -7.93
N ASN A 139 -22.45 -49.16 -7.29
CA ASN A 139 -22.35 -49.22 -5.83
C ASN A 139 -20.96 -48.79 -5.38
N SER A 140 -20.91 -47.98 -4.33
CA SER A 140 -19.64 -47.39 -3.92
C SER A 140 -19.74 -46.95 -2.46
N PHE A 141 -18.76 -46.17 -2.03
CA PHE A 141 -18.60 -45.78 -0.63
C PHE A 141 -17.79 -44.49 -0.60
N PHE A 142 -17.59 -43.94 0.61
CA PHE A 142 -16.76 -42.77 0.77
C PHE A 142 -15.38 -42.99 0.15
N SER A 143 -14.87 -41.95 -0.51
CA SER A 143 -13.62 -42.10 -1.25
C SER A 143 -12.41 -42.18 -0.34
N ARG A 144 -12.46 -41.54 0.83
CA ARG A 144 -11.31 -41.44 1.71
C ARG A 144 -11.31 -42.51 2.80
N LEU A 145 -12.34 -43.34 2.88
CA LEU A 145 -12.42 -44.40 3.86
C LEU A 145 -12.38 -45.76 3.15
N ASN A 146 -12.20 -46.80 3.95
CA ASN A 146 -12.10 -48.17 3.44
C ASN A 146 -12.91 -49.09 4.35
N TRP A 147 -13.99 -49.64 3.81
CA TRP A 147 -14.86 -50.52 4.59
C TRP A 147 -14.27 -51.93 4.58
N LEU A 148 -13.89 -52.41 5.76
CA LEU A 148 -13.26 -53.73 5.90
C LEU A 148 -14.30 -54.75 6.34
N THR A 149 -14.48 -55.78 5.54
CA THR A 149 -15.34 -56.92 5.84
C THR A 149 -14.48 -58.18 5.96
N HIS A 150 -15.13 -59.31 6.23
CA HIS A 150 -14.37 -60.51 6.51
C HIS A 150 -13.80 -61.10 5.21
N LEU A 151 -12.88 -62.05 5.39
CA LEU A 151 -12.29 -62.78 4.28
C LEU A 151 -12.27 -64.26 4.65
N ASN A 152 -13.05 -65.06 3.93
CA ASN A 152 -13.18 -66.49 4.20
C ASN A 152 -13.77 -66.74 5.58
N PHE A 153 -14.78 -65.94 5.94
CA PHE A 153 -15.51 -66.07 7.21
C PHE A 153 -14.57 -65.96 8.41
N LYS A 154 -13.50 -65.18 8.26
CA LYS A 154 -12.53 -64.98 9.32
C LYS A 154 -12.09 -63.52 9.30
N TYR A 155 -12.33 -62.82 10.40
CA TYR A 155 -11.85 -61.45 10.59
C TYR A 155 -10.69 -61.51 11.58
N PRO A 156 -9.46 -61.70 11.11
CA PRO A 156 -8.33 -61.78 12.03
C PRO A 156 -8.15 -60.49 12.81
N ALA A 157 -7.44 -60.60 13.92
CA ALA A 157 -7.17 -59.43 14.76
C ALA A 157 -6.26 -58.46 14.01
N LEU A 158 -6.77 -57.28 13.71
CA LEU A 158 -5.98 -56.25 13.05
C LEU A 158 -5.12 -55.53 14.08
N ASN A 159 -3.81 -55.49 13.83
CA ASN A 159 -2.87 -54.67 14.61
C ASN A 159 -1.91 -54.04 13.61
N VAL A 160 -2.15 -52.78 13.26
CA VAL A 160 -1.41 -52.11 12.20
C VAL A 160 -0.75 -50.86 12.76
N THR A 161 0.52 -50.66 12.41
CA THR A 161 1.28 -49.49 12.80
C THR A 161 1.57 -48.61 11.59
N MET A 162 1.64 -47.30 11.83
CA MET A 162 1.98 -46.34 10.79
C MET A 162 2.74 -45.18 11.42
N PRO A 163 4.02 -45.01 11.08
CA PRO A 163 4.82 -43.96 11.73
C PRO A 163 4.62 -42.60 11.07
N ASN A 164 5.02 -41.56 11.79
CA ASN A 164 5.05 -40.21 11.27
C ASN A 164 6.50 -39.73 11.29
N ASN A 165 7.09 -39.63 10.10
CA ASN A 165 8.49 -39.23 9.97
C ASN A 165 8.66 -37.95 9.17
N GLU A 166 7.56 -37.28 8.84
CA GLU A 166 7.64 -35.98 8.18
C GLU A 166 7.69 -34.88 9.25
N GLN A 167 7.54 -33.63 8.84
CA GLN A 167 7.72 -32.49 9.74
C GLN A 167 6.43 -31.70 9.94
N PHE A 168 5.29 -32.37 9.80
CA PHE A 168 4.00 -31.71 10.00
C PHE A 168 3.04 -32.70 10.64
N ASP A 169 2.03 -32.17 11.32
CA ASP A 169 1.02 -33.01 11.94
C ASP A 169 0.17 -33.70 10.87
N LYS A 170 -0.28 -34.91 11.18
CA LYS A 170 -1.12 -35.69 10.29
C LYS A 170 -2.48 -35.89 10.93
N LEU A 171 -3.53 -35.83 10.11
CA LEU A 171 -4.91 -35.96 10.57
C LEU A 171 -5.52 -37.21 9.96
N TYR A 172 -5.90 -38.17 10.80
CA TYR A 172 -6.51 -39.41 10.35
C TYR A 172 -8.00 -39.38 10.65
N ILE A 173 -8.82 -39.60 9.64
CA ILE A 173 -10.27 -39.70 9.79
C ILE A 173 -10.64 -41.17 9.59
N TRP A 174 -11.30 -41.74 10.59
CA TRP A 174 -11.69 -43.14 10.53
C TRP A 174 -13.11 -43.27 11.09
N GLY A 175 -13.58 -44.51 11.25
CA GLY A 175 -14.95 -44.68 11.67
C GLY A 175 -15.24 -46.06 12.21
N VAL A 176 -16.46 -46.18 12.75
CA VAL A 176 -16.97 -47.42 13.32
C VAL A 176 -18.35 -47.68 12.73
N HIS A 177 -18.59 -48.92 12.32
CA HIS A 177 -19.83 -49.29 11.67
C HIS A 177 -20.76 -49.94 12.70
N HIS A 178 -21.91 -49.30 12.94
CA HIS A 178 -22.98 -49.88 13.75
C HIS A 178 -23.99 -50.55 12.82
N PRO A 179 -23.93 -51.85 12.63
CA PRO A 179 -24.92 -52.51 11.76
C PRO A 179 -26.29 -52.54 12.43
N GLY A 180 -27.30 -52.82 11.60
CA GLY A 180 -28.68 -52.71 12.07
C GLY A 180 -29.16 -53.90 12.85
N THR A 181 -28.68 -55.10 12.54
CA THR A 181 -29.14 -56.33 13.17
C THR A 181 -27.93 -57.20 13.50
N ASP A 182 -28.20 -58.38 14.06
CA ASP A 182 -27.11 -59.30 14.40
C ASP A 182 -26.66 -60.11 13.18
N LYS A 183 -27.60 -60.51 12.33
CA LYS A 183 -27.19 -61.26 11.14
C LYS A 183 -26.35 -60.40 10.21
N ASP A 184 -26.56 -59.08 10.20
CA ASP A 184 -25.68 -58.20 9.45
C ASP A 184 -24.28 -58.19 10.02
N GLN A 185 -24.15 -58.19 11.35
CA GLN A 185 -22.83 -58.25 11.96
C GLN A 185 -22.13 -59.56 11.63
N ILE A 186 -22.85 -60.68 11.72
CA ILE A 186 -22.23 -61.97 11.42
C ILE A 186 -21.91 -62.07 9.93
N PHE A 187 -22.71 -61.41 9.09
CA PHE A 187 -22.49 -61.47 7.64
C PHE A 187 -21.27 -60.66 7.23
N LEU A 188 -21.04 -59.54 7.90
CA LEU A 188 -19.95 -58.66 7.48
C LEU A 188 -18.64 -58.94 8.23
N TYR A 189 -18.70 -59.42 9.47
CA TYR A 189 -17.49 -59.53 10.29
C TYR A 189 -17.31 -60.88 10.96
N ALA A 190 -18.25 -61.80 10.85
CA ALA A 190 -18.11 -63.18 11.31
C ALA A 190 -17.89 -63.28 12.82
N GLN A 191 -18.39 -62.30 13.58
CA GLN A 191 -18.33 -62.36 15.04
C GLN A 191 -19.20 -61.25 15.62
N SER A 192 -19.92 -61.59 16.69
CA SER A 192 -21.02 -60.79 17.23
C SER A 192 -20.57 -59.50 17.92
N SER A 193 -19.28 -59.16 17.90
CA SER A 193 -18.86 -57.90 18.47
C SER A 193 -17.52 -57.47 17.90
N GLY A 194 -17.34 -56.15 17.80
CA GLY A 194 -16.07 -55.55 17.48
C GLY A 194 -15.58 -54.69 18.64
N ARG A 195 -14.37 -54.18 18.44
CA ARG A 195 -13.75 -53.26 19.41
C ARG A 195 -12.57 -52.61 18.71
N ILE A 196 -12.54 -51.29 18.67
CA ILE A 196 -11.51 -50.56 17.94
C ILE A 196 -10.76 -49.66 18.90
N THR A 197 -9.46 -49.88 19.04
CA THR A 197 -8.60 -49.01 19.83
C THR A 197 -7.57 -48.40 18.90
N VAL A 198 -7.70 -47.10 18.65
CA VAL A 198 -6.75 -46.33 17.86
C VAL A 198 -5.98 -45.46 18.83
N SER A 199 -4.65 -45.55 18.79
CA SER A 199 -3.86 -44.93 19.83
C SER A 199 -2.55 -44.39 19.26
N THR A 200 -1.90 -43.55 20.08
CA THR A 200 -0.57 -43.04 19.81
C THR A 200 0.19 -43.03 21.14
N LYS A 201 1.34 -42.35 21.16
CA LYS A 201 2.09 -42.25 22.41
C LYS A 201 1.40 -41.34 23.41
N ARG A 202 0.62 -40.38 22.92
CA ARG A 202 0.00 -39.40 23.82
C ARG A 202 -1.51 -39.40 23.74
N SER A 203 -2.13 -40.44 23.17
CA SER A 203 -3.57 -40.47 23.05
C SER A 203 -4.03 -41.91 22.83
N GLN A 204 -5.29 -42.17 23.18
CA GLN A 204 -5.91 -43.46 22.94
C GLN A 204 -7.42 -43.26 22.90
N GLN A 205 -8.06 -43.95 21.96
CA GLN A 205 -9.51 -43.90 21.81
C GLN A 205 -10.01 -45.31 21.55
N ALA A 206 -10.89 -45.80 22.41
CA ALA A 206 -11.53 -47.10 22.23
C ALA A 206 -13.01 -46.88 21.96
N VAL A 207 -13.51 -47.52 20.91
CA VAL A 207 -14.90 -47.40 20.47
C VAL A 207 -15.47 -48.79 20.31
N ILE A 208 -16.71 -48.97 20.75
CA ILE A 208 -17.40 -50.25 20.72
C ILE A 208 -18.64 -50.08 19.85
N PRO A 209 -18.89 -50.95 18.88
CA PRO A 209 -20.09 -50.82 18.05
C PRO A 209 -21.34 -51.13 18.85
N ASN A 210 -22.44 -50.49 18.46
CA ASN A 210 -23.73 -50.66 19.12
C ASN A 210 -24.71 -51.23 18.08
N ILE A 211 -24.82 -52.55 18.05
CA ILE A 211 -25.74 -53.21 17.12
C ILE A 211 -27.17 -52.86 17.51
N GLY A 212 -27.92 -52.33 16.55
CA GLY A 212 -29.30 -51.96 16.80
C GLY A 212 -29.91 -51.30 15.59
N SER A 213 -31.24 -51.25 15.60
CA SER A 213 -31.98 -50.69 14.48
C SER A 213 -32.08 -49.17 14.60
N ARG A 214 -31.80 -48.48 13.51
CA ARG A 214 -32.00 -47.05 13.40
C ARG A 214 -33.08 -46.74 12.38
N PRO A 215 -33.71 -45.57 12.47
CA PRO A 215 -34.64 -45.16 11.43
C PRO A 215 -33.95 -45.14 10.07
N ARG A 216 -34.55 -45.84 9.11
CA ARG A 216 -33.95 -45.97 7.79
C ARG A 216 -33.73 -44.60 7.16
N ILE A 217 -32.52 -44.40 6.63
CA ILE A 217 -32.18 -43.23 5.81
C ILE A 217 -31.58 -43.75 4.52
N ARG A 218 -32.17 -43.36 3.40
CA ARG A 218 -31.83 -43.95 2.11
C ARG A 218 -31.87 -45.48 2.20
N ASN A 219 -32.90 -45.98 2.89
CA ASN A 219 -33.17 -47.40 3.10
C ASN A 219 -32.09 -48.10 3.91
N ILE A 220 -31.20 -47.36 4.57
CA ILE A 220 -30.15 -47.93 5.39
C ILE A 220 -30.54 -47.77 6.86
N PRO A 221 -30.72 -48.86 7.61
CA PRO A 221 -30.98 -48.75 9.06
C PRO A 221 -29.74 -48.88 9.93
N SER A 222 -28.55 -48.89 9.35
CA SER A 222 -27.30 -48.92 10.08
C SER A 222 -26.69 -47.52 10.10
N ARG A 223 -25.56 -47.38 10.79
CA ARG A 223 -24.94 -46.07 10.91
C ARG A 223 -23.42 -46.20 10.93
N ILE A 224 -22.75 -45.07 10.73
CA ILE A 224 -21.30 -44.97 10.83
C ILE A 224 -20.97 -43.80 11.74
N SER A 225 -20.16 -44.05 12.76
CA SER A 225 -19.68 -43.00 13.65
C SER A 225 -18.27 -42.62 13.24
N ILE A 226 -18.06 -41.35 12.89
CA ILE A 226 -16.77 -40.88 12.39
C ILE A 226 -15.97 -40.31 13.55
N TYR A 227 -14.71 -40.71 13.63
CA TYR A 227 -13.78 -40.19 14.63
C TYR A 227 -12.52 -39.70 13.93
N TRP A 228 -11.74 -38.90 14.65
CA TRP A 228 -10.49 -38.39 14.09
C TRP A 228 -9.39 -38.46 15.14
N THR A 229 -8.16 -38.49 14.64
CA THR A 229 -6.97 -38.65 15.47
C THR A 229 -5.84 -37.87 14.83
N ILE A 230 -5.22 -36.98 15.60
CA ILE A 230 -4.11 -36.17 15.13
C ILE A 230 -2.81 -36.77 15.65
N VAL A 231 -1.83 -36.90 14.77
CA VAL A 231 -0.55 -37.54 15.09
C VAL A 231 0.56 -36.54 14.80
N LYS A 232 1.31 -36.19 15.84
CA LYS A 232 2.41 -35.25 15.73
C LYS A 232 3.66 -35.95 15.17
N PRO A 233 4.64 -35.19 14.68
CA PRO A 233 5.84 -35.83 14.12
C PRO A 233 6.56 -36.71 15.14
N GLY A 234 7.30 -37.69 14.62
CA GLY A 234 8.00 -38.64 15.45
C GLY A 234 7.10 -39.59 16.21
N ASP A 235 5.78 -39.47 16.09
CA ASP A 235 4.85 -40.33 16.78
C ASP A 235 4.51 -41.53 15.90
N ILE A 236 3.64 -42.41 16.42
CA ILE A 236 3.24 -43.62 15.71
C ILE A 236 1.75 -43.80 15.92
N LEU A 237 1.03 -44.09 14.84
CA LEU A 237 -0.39 -44.41 14.89
C LEU A 237 -0.58 -45.92 14.94
N LEU A 238 -1.33 -46.40 15.92
CA LEU A 238 -1.56 -47.82 16.08
C LEU A 238 -3.05 -48.09 16.04
N ILE A 239 -3.45 -49.03 15.19
CA ILE A 239 -4.85 -49.41 15.00
C ILE A 239 -5.00 -50.86 15.40
N ASN A 240 -5.91 -51.10 16.34
CA ASN A 240 -6.15 -52.41 16.89
C ASN A 240 -7.64 -52.69 16.81
N SER A 241 -8.02 -53.83 16.24
CA SER A 241 -9.44 -54.05 15.98
C SER A 241 -9.73 -55.54 15.78
N THR A 242 -10.99 -55.90 16.04
CA THR A 242 -11.49 -57.24 15.73
C THR A 242 -12.65 -57.20 14.75
N GLY A 243 -13.05 -56.03 14.29
CA GLY A 243 -14.16 -55.91 13.36
C GLY A 243 -14.79 -54.55 13.43
N ASN A 244 -15.71 -54.32 12.48
CA ASN A 244 -16.51 -53.09 12.38
C ASN A 244 -15.67 -51.85 12.19
N LEU A 245 -14.44 -51.99 11.69
CA LEU A 245 -13.56 -50.84 11.48
C LEU A 245 -13.76 -50.28 10.08
N ILE A 246 -14.02 -48.97 10.02
CA ILE A 246 -14.04 -48.25 8.75
C ILE A 246 -12.69 -47.53 8.67
N ALA A 247 -11.72 -48.19 8.06
CA ALA A 247 -10.34 -47.77 8.15
C ALA A 247 -10.09 -46.52 7.31
N PRO A 248 -9.03 -45.77 7.61
CA PRO A 248 -8.64 -44.66 6.74
C PRO A 248 -7.78 -45.16 5.58
N ARG A 249 -7.69 -44.33 4.55
CA ARG A 249 -6.82 -44.63 3.42
C ARG A 249 -5.51 -43.85 3.44
N GLY A 250 -5.43 -42.80 4.25
CA GLY A 250 -4.24 -41.97 4.31
C GLY A 250 -4.40 -40.87 5.33
N TYR A 251 -3.77 -39.73 5.10
CA TYR A 251 -3.80 -38.64 6.06
C TYR A 251 -4.07 -37.32 5.36
N PHE A 252 -4.52 -36.35 6.16
CA PHE A 252 -4.73 -34.98 5.72
C PHE A 252 -3.63 -34.11 6.28
N LYS A 253 -2.98 -33.33 5.40
CA LYS A 253 -2.13 -32.24 5.86
C LYS A 253 -3.00 -31.24 6.63
N ILE A 254 -2.64 -30.99 7.89
CA ILE A 254 -3.36 -30.05 8.73
C ILE A 254 -2.47 -28.84 8.91
N ARG A 255 -2.85 -27.74 8.29
CA ARG A 255 -2.08 -26.50 8.31
C ARG A 255 -2.62 -25.56 9.38
N SER A 256 -1.76 -24.62 9.79
CA SER A 256 -2.13 -23.52 10.68
C SER A 256 -2.21 -22.26 9.82
N GLY A 257 -3.42 -21.78 9.59
CA GLY A 257 -3.59 -20.61 8.74
C GLY A 257 -4.73 -19.70 9.14
N LYS A 258 -5.11 -18.81 8.22
CA LYS A 258 -6.17 -17.84 8.44
C LYS A 258 -7.40 -18.17 7.60
N SER A 259 -7.71 -19.47 7.47
CA SER A 259 -8.87 -19.90 6.73
C SER A 259 -10.05 -20.09 7.69
N SER A 260 -11.25 -20.11 7.12
CA SER A 260 -12.47 -20.25 7.91
C SER A 260 -13.59 -20.77 7.01
N ILE A 261 -14.77 -20.91 7.60
CA ILE A 261 -15.95 -21.40 6.92
C ILE A 261 -17.12 -20.50 7.28
N MET A 262 -18.09 -20.40 6.38
CA MET A 262 -19.24 -19.53 6.57
C MET A 262 -20.43 -20.13 5.85
N ARG A 263 -21.57 -20.21 6.53
CA ARG A 263 -22.80 -20.69 5.93
C ARG A 263 -23.54 -19.51 5.31
N SER A 264 -23.77 -19.58 4.00
CA SER A 264 -24.41 -18.49 3.28
C SER A 264 -25.06 -19.02 2.01
N ASP A 265 -26.13 -18.37 1.58
CA ASP A 265 -26.75 -18.64 0.30
C ASP A 265 -26.44 -17.55 -0.72
N ALA A 266 -25.50 -16.65 -0.40
CA ALA A 266 -25.18 -15.56 -1.29
C ALA A 266 -24.46 -16.07 -2.54
N PRO A 267 -24.83 -15.59 -3.72
CA PRO A 267 -24.12 -16.02 -4.93
C PRO A 267 -22.69 -15.52 -4.93
N ILE A 268 -21.81 -16.31 -5.55
CA ILE A 268 -20.42 -15.91 -5.72
C ILE A 268 -20.33 -15.02 -6.95
N GLY A 269 -19.74 -13.83 -6.78
CA GLY A 269 -19.55 -12.90 -7.85
C GLY A 269 -18.11 -12.80 -8.30
N LYS A 270 -17.80 -11.74 -9.04
CA LYS A 270 -16.44 -11.47 -9.51
C LYS A 270 -16.16 -9.99 -9.25
N CYS A 271 -15.67 -9.69 -8.06
CA CYS A 271 -15.38 -8.33 -7.64
C CYS A 271 -14.21 -8.38 -6.66
N ASN A 272 -14.02 -7.31 -5.90
CA ASN A 272 -12.97 -7.27 -4.88
C ASN A 272 -13.51 -6.57 -3.64
N SER A 273 -13.46 -7.27 -2.51
CA SER A 273 -13.79 -6.69 -1.21
C SER A 273 -13.16 -7.55 -0.14
N GLU A 274 -12.55 -6.91 0.85
CA GLU A 274 -11.85 -7.63 1.91
C GLU A 274 -12.74 -7.95 3.11
N CYS A 275 -14.04 -7.67 3.03
CA CYS A 275 -14.96 -8.00 4.11
C CYS A 275 -16.14 -8.76 3.54
N ILE A 276 -16.33 -9.99 4.02
CA ILE A 276 -17.38 -10.89 3.54
C ILE A 276 -18.35 -11.16 4.69
N THR A 277 -19.64 -11.08 4.41
CA THR A 277 -20.70 -11.45 5.34
C THR A 277 -21.62 -12.43 4.63
N PRO A 278 -22.43 -13.18 5.38
CA PRO A 278 -23.40 -14.08 4.73
C PRO A 278 -24.40 -13.38 3.82
N ASN A 279 -24.52 -12.05 3.89
CA ASN A 279 -25.35 -11.28 2.96
C ASN A 279 -24.61 -10.86 1.69
N GLY A 280 -23.29 -11.00 1.65
CA GLY A 280 -22.50 -10.53 0.53
C GLY A 280 -21.23 -9.86 1.00
N SER A 281 -20.42 -9.38 0.07
CA SER A 281 -19.28 -8.58 0.47
C SER A 281 -19.73 -7.16 0.77
N ILE A 282 -19.03 -6.50 1.68
CA ILE A 282 -19.37 -5.13 2.06
C ILE A 282 -18.12 -4.26 2.05
N PRO A 283 -18.26 -2.95 1.82
CA PRO A 283 -17.09 -2.07 1.83
C PRO A 283 -16.50 -1.90 3.23
N ASN A 284 -15.18 -1.79 3.28
CA ASN A 284 -14.43 -1.82 4.52
C ASN A 284 -13.87 -0.45 4.88
N ASP A 285 -14.61 0.61 4.59
CA ASP A 285 -14.17 1.97 4.90
C ASP A 285 -14.79 2.51 6.19
N LYS A 286 -16.10 2.37 6.33
CA LYS A 286 -16.77 2.85 7.53
C LYS A 286 -16.33 2.02 8.74
N PRO A 287 -16.16 2.63 9.90
CA PRO A 287 -15.64 1.88 11.05
C PRO A 287 -16.62 0.86 11.60
N PHE A 288 -17.91 1.03 11.35
CA PHE A 288 -18.93 0.15 11.91
C PHE A 288 -19.82 -0.39 10.78
N GLN A 289 -20.61 -1.39 11.14
CA GLN A 289 -21.56 -2.00 10.21
C GLN A 289 -22.60 -2.74 11.04
N ASN A 290 -23.79 -2.91 10.45
CA ASN A 290 -24.84 -3.68 11.11
C ASN A 290 -25.52 -4.65 10.14
N VAL A 291 -24.88 -4.93 8.99
CA VAL A 291 -25.39 -5.93 8.06
C VAL A 291 -25.54 -7.28 8.77
N ASN A 292 -24.43 -7.80 9.28
CA ASN A 292 -24.41 -9.08 9.98
C ASN A 292 -23.24 -9.09 10.94
N ARG A 293 -23.36 -9.94 11.97
CA ARG A 293 -22.30 -10.09 12.95
C ARG A 293 -21.29 -11.16 12.55
N ILE A 294 -21.63 -12.01 11.60
CA ILE A 294 -20.72 -13.06 11.12
C ILE A 294 -19.89 -12.46 10.00
N THR A 295 -18.59 -12.31 10.23
CA THR A 295 -17.71 -11.60 9.30
C THR A 295 -16.45 -12.40 9.01
N TYR A 296 -15.91 -12.18 7.81
CA TYR A 296 -14.60 -12.72 7.45
C TYR A 296 -13.79 -11.64 6.75
N GLY A 297 -12.64 -11.31 7.31
CA GLY A 297 -11.71 -10.36 6.71
C GLY A 297 -11.58 -9.08 7.51
N ALA A 298 -11.04 -8.06 6.83
CA ALA A 298 -10.86 -6.73 7.43
C ALA A 298 -12.23 -6.04 7.47
N CYS A 299 -13.02 -6.43 8.47
CA CYS A 299 -14.41 -6.01 8.57
C CYS A 299 -14.61 -4.94 9.64
N PRO A 300 -15.59 -4.07 9.43
CA PRO A 300 -15.99 -3.13 10.49
C PRO A 300 -16.78 -3.86 11.56
N ARG A 301 -16.72 -3.32 12.77
CA ARG A 301 -17.34 -3.99 13.91
C ARG A 301 -18.86 -3.93 13.83
N TYR A 302 -19.52 -5.03 14.18
CA TYR A 302 -20.96 -5.04 14.21
C TYR A 302 -21.45 -4.25 15.42
N VAL A 303 -22.39 -3.33 15.17
CA VAL A 303 -23.06 -2.58 16.22
C VAL A 303 -24.57 -2.71 15.99
N LYS A 304 -25.34 -2.35 17.01
CA LYS A 304 -26.80 -2.44 16.91
C LYS A 304 -27.42 -1.20 16.26
N GLN A 305 -26.71 -0.09 16.19
CA GLN A 305 -27.27 1.13 15.64
C GLN A 305 -27.45 0.99 14.13
N SER A 306 -28.61 1.44 13.62
CA SER A 306 -28.82 1.44 12.19
C SER A 306 -28.05 2.56 11.49
N THR A 307 -27.71 3.63 12.23
CA THR A 307 -27.05 4.78 11.63
C THR A 307 -26.36 5.61 12.70
N LEU A 308 -25.10 5.95 12.46
CA LEU A 308 -24.34 6.86 13.28
C LEU A 308 -23.65 7.86 12.36
N LYS A 309 -24.00 9.14 12.50
CA LYS A 309 -23.56 10.16 11.57
C LYS A 309 -22.49 11.05 12.23
N LEU A 310 -21.42 11.31 11.48
CA LEU A 310 -20.28 12.08 11.95
C LEU A 310 -20.28 13.44 11.27
N ALA A 311 -20.19 14.49 12.08
CA ALA A 311 -20.31 15.85 11.56
C ALA A 311 -19.03 16.28 10.85
N THR A 312 -19.19 16.78 9.62
CA THR A 312 -18.11 17.28 8.81
C THR A 312 -18.33 18.74 8.44
N GLY A 313 -18.80 19.53 9.41
CA GLY A 313 -19.09 20.93 9.19
C GLY A 313 -19.61 21.56 10.47
N MET A 314 -19.72 22.88 10.44
CA MET A 314 -20.09 23.62 11.62
C MET A 314 -21.60 23.59 11.83
N ARG A 315 -22.02 24.09 12.99
CA ARG A 315 -23.44 24.30 13.26
C ARG A 315 -24.09 25.08 12.12
N ASN A 316 -25.30 24.69 11.75
CA ASN A 316 -25.96 25.27 10.59
C ASN A 316 -27.23 26.00 11.03
N VAL A 317 -27.13 27.33 11.12
CA VAL A 317 -28.29 28.19 11.29
C VAL A 317 -28.55 28.89 9.96
N PRO A 318 -29.58 28.48 9.21
CA PRO A 318 -29.76 29.02 7.85
C PRO A 318 -30.19 30.49 7.85
N GLU A 319 -30.39 31.03 6.66
CA GLU A 319 -30.72 32.45 6.49
C GLU A 319 -31.98 32.62 5.63
N ILE B 10 -23.38 36.13 17.22
CA ILE B 10 -23.89 36.19 15.86
C ILE B 10 -25.38 35.90 15.87
N GLU B 11 -26.10 36.42 14.88
CA GLU B 11 -27.53 36.18 14.76
C GLU B 11 -27.83 34.93 13.93
N ASN B 12 -27.21 34.81 12.77
CA ASN B 12 -27.44 33.66 11.88
C ASN B 12 -26.22 33.50 11.00
N GLY B 13 -26.36 32.69 9.95
CA GLY B 13 -25.30 32.47 8.98
C GLY B 13 -25.57 33.19 7.66
N TRP B 14 -24.58 33.11 6.77
CA TRP B 14 -24.60 33.79 5.48
C TRP B 14 -24.57 32.74 4.38
N GLU B 15 -25.66 32.62 3.63
CA GLU B 15 -25.74 31.59 2.60
C GLU B 15 -24.99 31.95 1.33
N GLY B 16 -24.58 33.21 1.15
CA GLY B 16 -23.90 33.62 -0.05
C GLY B 16 -22.42 33.31 -0.11
N MET B 17 -21.85 32.75 0.96
CA MET B 17 -20.42 32.46 1.01
C MET B 17 -20.15 31.12 0.34
N VAL B 18 -19.30 31.13 -0.70
CA VAL B 18 -18.98 29.92 -1.45
C VAL B 18 -17.49 29.72 -1.66
N ASP B 19 -16.64 30.64 -1.19
CA ASP B 19 -15.20 30.51 -1.29
C ASP B 19 -14.55 30.46 0.09
N GLY B 20 -15.23 29.82 1.03
CA GLY B 20 -14.79 29.78 2.40
C GLY B 20 -15.97 29.52 3.32
N TRP B 21 -15.66 29.47 4.61
CA TRP B 21 -16.64 29.18 5.65
C TRP B 21 -16.87 30.32 6.62
N TYR B 22 -15.84 31.06 6.97
CA TYR B 22 -15.94 32.26 7.78
C TYR B 22 -15.56 33.47 6.92
N GLY B 23 -16.12 34.63 7.25
CA GLY B 23 -15.82 35.79 6.45
C GLY B 23 -16.18 37.11 7.11
N PHE B 24 -16.14 38.16 6.30
CA PHE B 24 -16.45 39.52 6.70
C PHE B 24 -17.49 40.10 5.74
N ARG B 25 -18.39 40.90 6.30
CA ARG B 25 -19.24 41.80 5.54
C ARG B 25 -18.98 43.21 6.01
N HIS B 26 -18.90 44.15 5.07
CA HIS B 26 -18.60 45.54 5.38
C HIS B 26 -19.56 46.45 4.63
N GLN B 27 -19.98 47.54 5.28
CA GLN B 27 -20.76 48.58 4.65
C GLN B 27 -20.06 49.92 4.89
N ASN B 28 -19.50 50.49 3.82
CA ASN B 28 -18.85 51.80 3.91
C ASN B 28 -19.43 52.72 2.85
N SER B 29 -18.86 53.92 2.72
CA SER B 29 -19.35 54.87 1.72
C SER B 29 -19.20 54.34 0.30
N GLU B 30 -18.29 53.39 0.07
CA GLU B 30 -18.12 52.76 -1.22
C GLU B 30 -19.14 51.66 -1.50
N GLY B 31 -19.98 51.32 -0.53
CA GLY B 31 -20.99 50.30 -0.74
C GLY B 31 -20.91 49.15 0.25
N ARG B 32 -21.54 48.03 -0.08
CA ARG B 32 -21.53 46.84 0.76
C ARG B 32 -20.78 45.72 0.05
N GLY B 33 -19.93 45.02 0.82
CA GLY B 33 -19.14 43.94 0.26
C GLY B 33 -19.00 42.79 1.25
N GLN B 34 -18.59 41.65 0.70
CA GLN B 34 -18.42 40.43 1.47
C GLN B 34 -17.22 39.66 0.95
N ALA B 35 -16.41 39.12 1.87
CA ALA B 35 -15.24 38.34 1.47
C ALA B 35 -14.84 37.40 2.60
N ALA B 36 -14.46 36.18 2.25
CA ALA B 36 -14.17 35.16 3.24
C ALA B 36 -12.71 35.19 3.69
N ASP B 37 -12.45 34.55 4.83
CA ASP B 37 -11.12 34.44 5.42
C ASP B 37 -10.54 33.06 5.14
N LEU B 38 -9.35 33.03 4.54
CA LEU B 38 -8.78 31.75 4.12
C LEU B 38 -8.21 30.95 5.28
N LYS B 39 -7.47 31.61 6.18
CA LYS B 39 -6.71 30.90 7.20
C LYS B 39 -7.62 30.12 8.16
N SER B 40 -8.68 30.75 8.65
CA SER B 40 -9.55 30.12 9.64
C SER B 40 -10.25 28.90 9.06
N THR B 41 -10.85 29.05 7.87
CA THR B 41 -11.52 27.92 7.25
C THR B 41 -10.53 26.84 6.87
N GLN B 42 -9.30 27.22 6.49
CA GLN B 42 -8.28 26.21 6.20
C GLN B 42 -7.97 25.39 7.45
N ALA B 43 -7.86 26.06 8.61
CA ALA B 43 -7.60 25.34 9.85
C ALA B 43 -8.74 24.40 10.22
N ALA B 44 -9.98 24.87 10.09
CA ALA B 44 -11.14 24.00 10.35
C ALA B 44 -11.15 22.79 9.42
N ILE B 45 -10.88 23.01 8.13
CA ILE B 45 -10.86 21.92 7.17
C ILE B 45 -9.76 20.93 7.51
N ASP B 46 -8.58 21.43 7.90
CA ASP B 46 -7.49 20.52 8.30
C ASP B 46 -7.90 19.65 9.47
N GLN B 47 -8.54 20.25 10.48
CA GLN B 47 -8.91 19.46 11.66
C GLN B 47 -9.95 18.40 11.30
N ILE B 48 -10.96 18.76 10.49
CA ILE B 48 -11.97 17.77 10.15
C ILE B 48 -11.39 16.67 9.25
N ASN B 49 -10.44 17.03 8.37
CA ASN B 49 -9.80 16.02 7.54
C ASN B 49 -8.94 15.08 8.39
N GLY B 50 -8.28 15.60 9.42
CA GLY B 50 -7.55 14.72 10.33
C GLY B 50 -8.48 13.79 11.09
N LYS B 51 -9.64 14.31 11.49
CA LYS B 51 -10.64 13.46 12.14
C LYS B 51 -11.08 12.32 11.24
N LEU B 52 -11.39 12.64 9.97
CA LEU B 52 -11.79 11.61 9.03
C LEU B 52 -10.65 10.62 8.75
N ASN B 53 -9.42 11.11 8.67
CA ASN B 53 -8.29 10.23 8.43
C ASN B 53 -8.07 9.27 9.60
N ARG B 54 -8.31 9.75 10.83
CA ARG B 54 -8.31 8.85 11.98
C ARG B 54 -9.39 7.77 11.83
N LEU B 55 -10.62 8.18 11.58
CA LEU B 55 -11.73 7.23 11.63
C LEU B 55 -11.78 6.31 10.41
N ILE B 56 -11.77 6.88 9.21
CA ILE B 56 -12.10 6.13 8.00
C ILE B 56 -10.88 5.36 7.49
N GLY B 57 -11.09 4.11 7.10
CA GLY B 57 -10.07 3.30 6.48
C GLY B 57 -9.17 2.54 7.42
N LYS B 58 -9.49 2.50 8.71
CA LYS B 58 -8.69 1.80 9.71
C LYS B 58 -9.55 0.68 10.28
N THR B 59 -9.47 -0.50 9.66
CA THR B 59 -10.17 -1.69 10.13
C THR B 59 -9.21 -2.86 10.16
N ASN B 60 -9.17 -3.57 11.27
CA ASN B 60 -8.26 -4.70 11.45
C ASN B 60 -8.94 -6.01 11.04
N GLU B 61 -8.10 -7.02 10.80
CA GLU B 61 -8.55 -8.29 10.26
C GLU B 61 -8.91 -9.27 11.37
N LYS B 62 -10.01 -9.98 11.15
CA LYS B 62 -10.41 -11.12 11.99
C LYS B 62 -10.95 -12.19 11.06
N PHE B 63 -10.40 -13.40 11.14
CA PHE B 63 -10.73 -14.44 10.17
C PHE B 63 -11.58 -15.56 10.76
N HIS B 64 -11.07 -16.28 11.76
CA HIS B 64 -11.76 -17.44 12.29
C HIS B 64 -12.23 -17.14 13.71
N GLN B 65 -13.51 -17.34 13.95
CA GLN B 65 -14.13 -17.00 15.23
C GLN B 65 -15.04 -18.15 15.63
N ILE B 66 -15.88 -17.90 16.63
CA ILE B 66 -16.88 -18.87 17.08
C ILE B 66 -18.10 -18.80 16.17
N GLU B 67 -18.99 -19.78 16.30
CA GLU B 67 -20.27 -19.73 15.60
C GLU B 67 -21.25 -18.82 16.35
N LYS B 68 -22.10 -18.14 15.58
CA LYS B 68 -23.03 -17.18 16.17
C LYS B 68 -24.48 -17.42 15.79
N GLU B 69 -24.78 -18.47 15.03
CA GLU B 69 -26.15 -18.89 14.76
C GLU B 69 -26.24 -20.40 14.95
N PHE B 70 -27.34 -20.86 15.51
CA PHE B 70 -27.49 -22.27 15.85
C PHE B 70 -28.83 -22.78 15.41
N SER B 71 -28.84 -23.94 14.76
CA SER B 71 -30.06 -24.61 14.32
C SER B 71 -30.45 -25.74 15.25
N GLU B 72 -29.75 -25.91 16.37
CA GLU B 72 -30.02 -27.01 17.29
C GLU B 72 -30.05 -26.50 18.73
N VAL B 73 -30.40 -27.39 19.64
CA VAL B 73 -30.60 -27.07 21.05
C VAL B 73 -29.54 -27.85 21.83
N GLU B 74 -28.50 -27.17 22.28
CA GLU B 74 -27.38 -27.85 22.90
C GLU B 74 -27.21 -27.55 24.38
N GLY B 75 -27.62 -26.36 24.84
CA GLY B 75 -27.53 -26.06 26.25
C GLY B 75 -26.38 -25.15 26.66
N ARG B 76 -25.45 -25.69 27.45
CA ARG B 76 -24.48 -24.86 28.17
C ARG B 76 -23.58 -24.08 27.23
N ILE B 77 -22.91 -24.77 26.31
CA ILE B 77 -21.94 -24.12 25.44
C ILE B 77 -22.63 -23.11 24.54
N GLN B 78 -23.81 -23.47 24.03
CA GLN B 78 -24.58 -22.53 23.22
C GLN B 78 -24.92 -21.27 24.01
N ASP B 79 -25.39 -21.44 25.25
CA ASP B 79 -25.69 -20.30 26.11
C ASP B 79 -24.47 -19.42 26.28
N LEU B 80 -23.31 -20.03 26.53
CA LEU B 80 -22.09 -19.25 26.76
C LEU B 80 -21.67 -18.49 25.52
N GLU B 81 -21.72 -19.13 24.34
CA GLU B 81 -21.32 -18.46 23.10
C GLU B 81 -22.24 -17.28 22.79
N LYS B 82 -23.56 -17.49 22.96
CA LYS B 82 -24.50 -16.38 22.78
C LYS B 82 -24.19 -15.24 23.74
N TYR B 83 -23.94 -15.58 25.01
CA TYR B 83 -23.64 -14.54 26.00
C TYR B 83 -22.42 -13.75 25.61
N VAL B 84 -21.37 -14.44 25.16
CA VAL B 84 -20.12 -13.77 24.79
C VAL B 84 -20.34 -12.82 23.64
N GLU B 85 -20.97 -13.30 22.56
CA GLU B 85 -21.17 -12.43 21.41
C GLU B 85 -22.08 -11.25 21.76
N ASP B 86 -23.12 -11.49 22.54
CA ASP B 86 -24.03 -10.41 22.91
C ASP B 86 -23.31 -9.35 23.74
N THR B 87 -22.51 -9.79 24.71
CA THR B 87 -21.75 -8.84 25.54
C THR B 87 -20.82 -8.00 24.67
N LYS B 88 -20.07 -8.65 23.78
CA LYS B 88 -19.18 -7.93 22.88
C LYS B 88 -19.95 -6.89 22.06
N ILE B 89 -21.08 -7.30 21.48
CA ILE B 89 -21.85 -6.39 20.64
C ILE B 89 -22.31 -5.18 21.44
N ASP B 90 -22.86 -5.41 22.64
CA ASP B 90 -23.36 -4.30 23.44
C ASP B 90 -22.24 -3.33 23.80
N LEU B 91 -21.08 -3.87 24.22
CA LEU B 91 -19.99 -2.99 24.59
C LEU B 91 -19.50 -2.17 23.41
N TRP B 92 -19.37 -2.79 22.24
CA TRP B 92 -18.90 -2.05 21.07
C TRP B 92 -19.92 -1.02 20.60
N SER B 93 -21.22 -1.34 20.71
CA SER B 93 -22.23 -0.35 20.36
C SER B 93 -22.18 0.84 21.28
N TYR B 94 -22.03 0.60 22.59
CA TYR B 94 -21.84 1.71 23.51
C TYR B 94 -20.65 2.56 23.10
N ASN B 95 -19.52 1.92 22.81
CA ASN B 95 -18.32 2.65 22.42
C ASN B 95 -18.56 3.48 21.17
N ALA B 96 -19.30 2.93 20.20
CA ALA B 96 -19.53 3.63 18.95
C ALA B 96 -20.40 4.86 19.17
N GLU B 97 -21.48 4.71 19.93
CA GLU B 97 -22.34 5.85 20.21
C GLU B 97 -21.59 6.94 20.95
N LEU B 98 -20.80 6.56 21.96
CA LEU B 98 -20.04 7.54 22.72
C LEU B 98 -19.00 8.25 21.86
N LEU B 99 -18.29 7.49 21.02
CA LEU B 99 -17.26 8.09 20.19
C LEU B 99 -17.86 9.07 19.21
N VAL B 100 -18.99 8.71 18.59
CA VAL B 100 -19.62 9.62 17.63
C VAL B 100 -20.07 10.89 18.34
N ALA B 101 -20.70 10.75 19.51
CA ALA B 101 -21.15 11.93 20.26
C ALA B 101 -19.97 12.83 20.60
N LEU B 102 -18.88 12.25 21.11
CA LEU B 102 -17.72 13.05 21.50
C LEU B 102 -17.08 13.73 20.31
N GLU B 103 -16.91 13.01 19.20
CA GLU B 103 -16.27 13.61 18.03
C GLU B 103 -17.13 14.73 17.44
N ASN B 104 -18.45 14.56 17.44
CA ASN B 104 -19.30 15.63 16.92
C ASN B 104 -19.28 16.85 17.83
N GLN B 105 -19.30 16.63 19.15
CA GLN B 105 -19.15 17.75 20.07
C GLN B 105 -17.84 18.49 19.82
N HIS B 106 -16.76 17.74 19.60
CA HIS B 106 -15.47 18.36 19.35
C HIS B 106 -15.46 19.14 18.04
N THR B 107 -16.12 18.62 17.01
CA THR B 107 -16.21 19.32 15.73
C THR B 107 -16.92 20.67 15.90
N ILE B 108 -18.10 20.64 16.54
CA ILE B 108 -18.82 21.87 16.82
C ILE B 108 -17.95 22.84 17.61
N ASP B 109 -17.28 22.34 18.64
CA ASP B 109 -16.46 23.22 19.49
C ASP B 109 -15.33 23.84 18.70
N LEU B 110 -14.66 23.06 17.85
CA LEU B 110 -13.53 23.62 17.11
C LEU B 110 -13.97 24.65 16.08
N THR B 111 -15.13 24.42 15.43
CA THR B 111 -15.62 25.41 14.48
C THR B 111 -15.97 26.72 15.18
N ASP B 112 -16.71 26.64 16.30
CA ASP B 112 -17.03 27.85 17.05
C ASP B 112 -15.77 28.54 17.55
N SER B 113 -14.77 27.77 17.99
CA SER B 113 -13.53 28.35 18.46
C SER B 113 -12.80 29.08 17.35
N GLU B 114 -12.86 28.56 16.11
CA GLU B 114 -12.21 29.25 15.01
C GLU B 114 -12.92 30.56 14.70
N MET B 115 -14.26 30.56 14.75
CA MET B 115 -15.00 31.81 14.56
C MET B 115 -14.60 32.85 15.60
N ASN B 116 -14.57 32.45 16.88
CA ASN B 116 -14.21 33.39 17.94
C ASN B 116 -12.76 33.84 17.83
N LYS B 117 -11.87 32.93 17.41
CA LYS B 117 -10.48 33.29 17.16
C LYS B 117 -10.40 34.42 16.14
N LEU B 118 -11.10 34.28 15.02
CA LEU B 118 -11.06 35.31 13.99
C LEU B 118 -11.63 36.63 14.50
N PHE B 119 -12.76 36.56 15.21
CA PHE B 119 -13.36 37.78 15.77
C PHE B 119 -12.37 38.50 16.68
N GLU B 120 -11.70 37.76 17.56
CA GLU B 120 -10.75 38.40 18.47
C GLU B 120 -9.54 38.95 17.73
N LYS B 121 -9.03 38.19 16.74
CA LYS B 121 -7.92 38.68 15.93
C LYS B 121 -8.24 40.03 15.32
N THR B 122 -9.46 40.18 14.81
CA THR B 122 -9.87 41.48 14.29
C THR B 122 -9.96 42.52 15.40
N LYS B 123 -10.71 42.22 16.47
CA LYS B 123 -10.97 43.20 17.52
C LYS B 123 -9.68 43.76 18.11
N LYS B 124 -8.65 42.93 18.24
CA LYS B 124 -7.38 43.43 18.75
C LYS B 124 -6.65 44.30 17.73
N GLN B 125 -7.02 44.22 16.45
CA GLN B 125 -6.35 45.00 15.42
C GLN B 125 -6.85 46.44 15.36
N LEU B 126 -8.07 46.70 15.81
CA LEU B 126 -8.72 48.00 15.73
C LEU B 126 -8.69 48.73 17.07
N ARG B 127 -7.54 48.69 17.76
CA ARG B 127 -7.47 48.83 19.22
C ARG B 127 -8.50 49.80 19.79
N GLU B 128 -8.44 51.07 19.39
CA GLU B 128 -9.36 52.07 19.88
C GLU B 128 -10.19 52.71 18.79
N ASN B 129 -9.95 52.34 17.53
CA ASN B 129 -10.62 52.94 16.40
C ASN B 129 -12.01 52.37 16.13
N ALA B 130 -12.51 51.51 17.01
CA ALA B 130 -13.78 50.83 16.75
C ALA B 130 -14.39 50.37 18.06
N GLU B 131 -15.68 50.06 18.00
CA GLU B 131 -16.41 49.56 19.15
C GLU B 131 -17.16 48.29 18.77
N ASP B 132 -17.40 47.45 19.78
CA ASP B 132 -18.07 46.17 19.61
C ASP B 132 -19.57 46.38 19.84
N MET B 133 -20.34 46.37 18.75
CA MET B 133 -21.79 46.61 18.87
C MET B 133 -22.50 45.45 19.54
N GLY B 134 -21.88 44.26 19.60
CA GLY B 134 -22.43 43.13 20.30
C GLY B 134 -23.19 42.15 19.43
N ASN B 135 -23.37 42.45 18.14
CA ASN B 135 -24.10 41.58 17.22
C ASN B 135 -23.16 40.93 16.21
N GLY B 136 -21.95 40.59 16.64
CA GLY B 136 -20.96 40.08 15.71
C GLY B 136 -20.52 41.08 14.66
N CYS B 137 -20.79 42.37 14.86
CA CYS B 137 -20.38 43.41 13.95
C CYS B 137 -19.70 44.54 14.73
N PHE B 138 -18.68 45.12 14.12
CA PHE B 138 -17.99 46.26 14.70
C PHE B 138 -18.58 47.57 14.18
N LYS B 139 -18.23 48.66 14.85
CA LYS B 139 -18.47 50.00 14.35
C LYS B 139 -17.13 50.72 14.31
N ILE B 140 -16.65 51.00 13.10
CA ILE B 140 -15.38 51.69 12.90
C ILE B 140 -15.67 53.18 12.77
N TYR B 141 -14.96 53.98 13.56
CA TYR B 141 -15.27 55.40 13.72
C TYR B 141 -14.41 56.30 12.85
N HIS B 142 -14.08 55.87 11.64
CA HIS B 142 -13.42 56.74 10.67
C HIS B 142 -13.81 56.30 9.27
N LYS B 143 -13.58 57.19 8.31
CA LYS B 143 -13.87 56.87 6.92
C LYS B 143 -12.90 55.80 6.42
N CYS B 144 -13.40 54.58 6.27
CA CYS B 144 -12.58 53.43 5.92
C CYS B 144 -13.04 52.90 4.55
N ASP B 145 -12.17 53.02 3.55
CA ASP B 145 -12.49 52.60 2.20
C ASP B 145 -12.20 51.12 2.02
N ASN B 146 -12.53 50.60 0.82
CA ASN B 146 -12.30 49.20 0.52
C ASN B 146 -10.83 48.80 0.68
N ALA B 147 -9.92 49.72 0.34
CA ALA B 147 -8.50 49.46 0.57
C ALA B 147 -8.18 49.40 2.07
N CYS B 148 -8.87 50.21 2.87
CA CYS B 148 -8.68 50.15 4.32
C CYS B 148 -9.22 48.84 4.89
N ILE B 149 -10.35 48.36 4.37
CA ILE B 149 -10.87 47.06 4.79
C ILE B 149 -9.88 45.96 4.41
N GLY B 150 -9.33 46.03 3.21
CA GLY B 150 -8.30 45.07 2.82
C GLY B 150 -7.11 45.10 3.76
N SER B 151 -6.66 46.30 4.12
CA SER B 151 -5.57 46.41 5.09
C SER B 151 -5.95 45.79 6.43
N ILE B 152 -7.23 45.86 6.79
CA ILE B 152 -7.70 45.19 8.00
C ILE B 152 -7.51 43.69 7.88
N ARG B 153 -8.15 43.09 6.87
CA ARG B 153 -8.23 41.64 6.77
C ARG B 153 -6.86 41.02 6.52
N ASN B 154 -6.06 41.61 5.62
CA ASN B 154 -4.72 41.11 5.34
C ASN B 154 -3.81 41.14 6.56
N GLY B 155 -4.12 41.97 7.56
CA GLY B 155 -3.29 42.10 8.73
C GLY B 155 -2.33 43.28 8.71
N THR B 156 -2.47 44.19 7.76
CA THR B 156 -1.58 45.33 7.61
C THR B 156 -2.17 46.63 8.16
N TYR B 157 -3.40 46.60 8.65
CA TYR B 157 -4.04 47.79 9.21
C TYR B 157 -3.20 48.35 10.36
N ASP B 158 -2.85 49.63 10.26
CA ASP B 158 -2.16 50.36 11.32
C ASP B 158 -3.16 51.28 11.98
N HIS B 159 -3.34 51.13 13.30
CA HIS B 159 -4.32 51.94 14.00
C HIS B 159 -3.86 53.40 14.13
N ASP B 160 -2.53 53.63 14.21
CA ASP B 160 -2.01 54.97 14.41
C ASP B 160 -2.49 55.93 13.32
N VAL B 161 -2.52 55.47 12.07
CA VAL B 161 -2.92 56.33 10.96
C VAL B 161 -4.32 56.89 11.20
N TYR B 162 -5.24 56.05 11.64
CA TYR B 162 -6.63 56.42 11.82
C TYR B 162 -7.00 56.65 13.28
N ARG B 163 -6.02 56.63 14.19
CA ARG B 163 -6.32 56.63 15.61
C ARG B 163 -6.96 57.93 16.05
N ASP B 164 -6.37 59.06 15.70
CA ASP B 164 -6.83 60.35 16.21
C ASP B 164 -8.21 60.69 15.67
N GLU B 165 -8.45 60.43 14.38
CA GLU B 165 -9.76 60.68 13.80
C GLU B 165 -10.84 59.86 14.49
N ALA B 166 -10.56 58.57 14.72
CA ALA B 166 -11.55 57.70 15.35
C ALA B 166 -11.79 58.06 16.81
N LEU B 167 -10.73 58.44 17.53
CA LEU B 167 -10.88 58.89 18.90
C LEU B 167 -11.72 60.16 18.97
N ASN B 168 -11.53 61.07 18.01
CA ASN B 168 -12.36 62.26 17.93
C ASN B 168 -13.83 61.89 17.71
N ASN B 169 -14.11 61.19 16.60
CA ASN B 169 -15.48 60.82 16.28
C ASN B 169 -16.10 59.87 17.29
N ARG B 170 -15.31 59.36 18.24
CA ARG B 170 -15.80 58.40 19.23
C ARG B 170 -16.04 59.02 20.60
N PHE B 171 -15.43 60.17 20.90
CA PHE B 171 -15.56 60.80 22.20
C PHE B 171 -16.06 62.24 22.16
N GLN B 172 -16.43 62.75 20.99
CA GLN B 172 -16.91 64.13 20.88
C GLN B 172 -18.00 64.24 19.81
N GLN C 1 -5.92 3.18 -10.98
CA GLN C 1 -5.82 4.42 -10.23
C GLN C 1 -5.87 5.62 -11.19
N VAL C 2 -4.75 6.30 -11.35
CA VAL C 2 -4.64 7.48 -12.20
C VAL C 2 -3.88 7.08 -13.45
N GLN C 3 -4.49 7.32 -14.61
CA GLN C 3 -3.87 7.02 -15.90
C GLN C 3 -3.64 8.34 -16.63
N LEU C 4 -2.38 8.75 -16.72
CA LEU C 4 -2.03 9.98 -17.40
C LEU C 4 -1.05 9.70 -18.53
N LEU C 5 -1.36 10.27 -19.69
CA LEU C 5 -0.45 10.24 -20.84
C LEU C 5 0.27 11.59 -20.90
N GLU C 6 1.58 11.56 -20.71
CA GLU C 6 2.40 12.75 -20.72
C GLU C 6 3.07 12.91 -22.08
N SER C 7 3.34 14.17 -22.45
CA SER C 7 3.87 14.46 -23.78
C SER C 7 4.56 15.81 -23.77
N GLY C 8 5.53 15.97 -24.67
CA GLY C 8 6.21 17.22 -24.84
C GLY C 8 7.68 17.20 -24.49
N GLY C 9 8.19 16.12 -23.92
CA GLY C 9 9.60 16.06 -23.60
C GLY C 9 10.47 16.02 -24.85
N GLY C 10 11.73 16.38 -24.65
CA GLY C 10 12.68 16.28 -25.75
C GLY C 10 13.88 17.19 -25.53
N VAL C 11 14.44 17.64 -26.65
CA VAL C 11 15.57 18.57 -26.65
C VAL C 11 15.10 19.86 -27.32
N VAL C 12 15.42 20.98 -26.68
CA VAL C 12 15.03 22.29 -27.15
C VAL C 12 16.23 23.21 -27.06
N GLN C 13 16.54 23.91 -28.15
CA GLN C 13 17.72 24.74 -28.19
C GLN C 13 17.62 25.88 -27.17
N PRO C 14 18.76 26.39 -26.69
CA PRO C 14 18.71 27.51 -25.74
C PRO C 14 17.97 28.70 -26.33
N GLY C 15 17.35 29.48 -25.45
CA GLY C 15 16.54 30.61 -25.85
C GLY C 15 15.18 30.27 -26.45
N ARG C 16 14.98 29.01 -26.88
CA ARG C 16 13.71 28.58 -27.44
C ARG C 16 12.72 28.25 -26.32
N SER C 17 11.62 27.59 -26.67
CA SER C 17 10.53 27.34 -25.73
C SER C 17 10.17 25.86 -25.71
N LEU C 18 9.72 25.41 -24.53
CA LEU C 18 9.15 24.09 -24.34
C LEU C 18 7.66 24.20 -24.10
N ARG C 19 6.96 23.11 -24.41
CA ARG C 19 5.52 23.03 -24.23
C ARG C 19 5.16 21.59 -23.89
N LEU C 20 4.83 21.36 -22.62
CA LEU C 20 4.48 20.04 -22.10
C LEU C 20 2.97 19.96 -21.89
N SER C 21 2.47 18.73 -21.88
CA SER C 21 1.04 18.49 -21.68
C SER C 21 0.84 17.08 -21.17
N CYS C 22 0.18 16.93 -20.04
CA CYS C 22 -0.19 15.62 -19.52
C CYS C 22 -1.71 15.55 -19.40
N ALA C 23 -2.29 14.49 -19.96
CA ALA C 23 -3.74 14.29 -19.98
C ALA C 23 -4.10 13.17 -19.02
N ALA C 24 -5.01 13.45 -18.10
CA ALA C 24 -5.34 12.55 -17.01
C ALA C 24 -6.71 11.91 -17.22
N SER C 25 -6.86 10.71 -16.67
CA SER C 25 -8.12 9.99 -16.67
C SER C 25 -8.14 9.06 -15.46
N GLY C 26 -9.34 8.78 -14.98
CA GLY C 26 -9.53 7.95 -13.81
C GLY C 26 -10.17 8.65 -12.63
N PHE C 27 -10.50 9.93 -12.73
CA PHE C 27 -11.08 10.69 -11.63
C PHE C 27 -11.69 11.96 -12.19
N THR C 28 -12.40 12.67 -11.32
CA THR C 28 -12.93 13.97 -11.72
C THR C 28 -11.80 15.00 -11.76
N PHE C 29 -11.17 15.14 -12.93
CA PHE C 29 -10.15 16.17 -13.12
C PHE C 29 -10.70 17.56 -12.82
N SER C 30 -12.01 17.74 -13.04
CA SER C 30 -12.67 19.03 -12.95
C SER C 30 -12.62 19.67 -11.57
N ASN C 31 -12.12 18.98 -10.54
CA ASN C 31 -12.20 19.58 -9.22
C ASN C 31 -10.92 19.40 -8.42
N TYR C 32 -9.77 19.38 -9.08
CA TYR C 32 -8.49 19.31 -8.39
C TYR C 32 -7.52 20.31 -9.00
N GLY C 33 -7.04 21.24 -8.19
CA GLY C 33 -5.94 22.07 -8.62
C GLY C 33 -4.69 21.25 -8.87
N MET C 34 -3.89 21.69 -9.83
CA MET C 34 -2.74 20.92 -10.27
C MET C 34 -1.45 21.72 -10.08
N HIS C 35 -0.33 21.00 -10.06
CA HIS C 35 0.99 21.57 -9.89
C HIS C 35 1.89 21.10 -11.01
N TRP C 36 2.81 21.96 -11.40
CA TRP C 36 3.99 21.57 -12.17
C TRP C 36 5.20 21.76 -11.28
N VAL C 37 5.93 20.67 -11.04
CA VAL C 37 7.16 20.68 -10.28
C VAL C 37 8.27 20.23 -11.23
N ARG C 38 9.50 20.60 -10.91
CA ARG C 38 10.62 20.16 -11.72
C ARG C 38 11.77 19.73 -10.83
N GLN C 39 12.61 18.90 -11.42
CA GLN C 39 13.71 18.25 -10.72
C GLN C 39 14.90 18.23 -11.67
N ALA C 40 15.91 19.05 -11.37
CA ALA C 40 17.13 19.03 -12.16
C ALA C 40 17.85 17.70 -11.93
N PRO C 41 18.55 17.20 -12.95
CA PRO C 41 19.38 16.01 -12.73
C PRO C 41 20.41 16.27 -11.63
N GLY C 42 20.99 15.18 -11.14
CA GLY C 42 21.78 15.28 -9.93
C GLY C 42 20.86 15.20 -8.73
N LYS C 43 20.55 16.35 -8.13
CA LYS C 43 19.60 16.42 -7.04
C LYS C 43 18.76 17.69 -7.18
N GLY C 44 17.85 17.88 -6.25
CA GLY C 44 17.03 19.07 -6.18
C GLY C 44 15.58 18.78 -6.52
N LEU C 45 14.69 19.58 -5.94
CA LEU C 45 13.26 19.52 -6.23
C LEU C 45 12.72 20.94 -6.17
N GLU C 46 12.51 21.57 -7.34
CA GLU C 46 12.01 22.92 -7.43
C GLU C 46 10.59 22.94 -7.98
N TRP C 47 9.73 23.74 -7.35
CA TRP C 47 8.35 23.90 -7.78
C TRP C 47 8.23 24.99 -8.83
N VAL C 48 7.40 24.74 -9.84
CA VAL C 48 7.29 25.65 -10.98
C VAL C 48 5.99 26.45 -10.92
N ALA C 49 4.84 25.78 -10.96
CA ALA C 49 3.58 26.49 -11.08
C ALA C 49 2.45 25.73 -10.42
N ILE C 50 1.33 26.43 -10.23
CA ILE C 50 0.10 25.84 -9.69
C ILE C 50 -1.09 26.50 -10.37
N ILE C 51 -2.14 25.72 -10.61
CA ILE C 51 -3.35 26.23 -11.24
C ILE C 51 -4.57 25.70 -10.51
N SER C 52 -5.54 26.58 -10.28
CA SER C 52 -6.79 26.23 -9.62
C SER C 52 -7.63 25.30 -10.51
N PHE C 53 -8.69 24.75 -9.90
CA PHE C 53 -9.61 23.84 -10.57
C PHE C 53 -10.49 24.51 -11.62
N ASP C 54 -10.40 25.83 -11.76
CA ASP C 54 -11.15 26.55 -12.77
C ASP C 54 -10.32 27.62 -13.45
N GLY C 55 -8.99 27.60 -13.29
CA GLY C 55 -8.12 28.61 -13.83
C GLY C 55 -8.13 29.94 -13.10
N SER C 56 -9.08 30.14 -12.19
CA SER C 56 -9.24 31.43 -11.53
C SER C 56 -7.98 31.85 -10.78
N LYS C 57 -7.10 30.92 -10.44
CA LYS C 57 -5.90 31.23 -9.68
C LYS C 57 -4.71 30.48 -10.25
N LYS C 58 -3.75 31.22 -10.80
CA LYS C 58 -2.48 30.66 -11.24
C LYS C 58 -1.34 31.38 -10.52
N TYR C 59 -0.25 30.66 -10.27
CA TYR C 59 0.89 31.22 -9.58
C TYR C 59 2.13 30.46 -10.03
N TYR C 60 3.22 31.21 -10.23
CA TYR C 60 4.48 30.67 -10.72
C TYR C 60 5.58 31.01 -9.73
N ALA C 61 6.73 30.38 -9.93
CA ALA C 61 7.90 30.63 -9.09
C ALA C 61 8.65 31.85 -9.61
N ASN C 62 9.24 32.61 -8.69
CA ASN C 62 10.02 33.77 -9.10
C ASN C 62 11.13 33.40 -10.09
N SER C 63 11.60 32.15 -10.03
CA SER C 63 12.67 31.72 -10.93
C SER C 63 12.19 31.59 -12.37
N VAL C 64 10.90 31.33 -12.58
CA VAL C 64 10.38 31.17 -13.92
C VAL C 64 9.17 32.09 -14.12
N LYS C 65 9.07 33.13 -13.31
CA LYS C 65 7.97 34.08 -13.47
C LYS C 65 8.23 34.97 -14.68
N GLY C 66 7.14 35.41 -15.31
CA GLY C 66 7.23 36.27 -16.47
C GLY C 66 7.62 35.61 -17.76
N ARG C 67 7.90 34.31 -17.76
CA ARG C 67 8.27 33.61 -18.99
C ARG C 67 7.62 32.24 -19.09
N SER C 68 6.58 31.98 -18.31
CA SER C 68 5.92 30.68 -18.33
C SER C 68 4.43 30.87 -18.12
N THR C 69 3.67 29.87 -18.54
CA THR C 69 2.22 29.91 -18.49
C THR C 69 1.72 28.49 -18.23
N ILE C 70 0.87 28.35 -17.22
CA ILE C 70 0.20 27.10 -16.93
C ILE C 70 -1.24 27.22 -17.39
N SER C 71 -1.78 26.15 -17.97
CA SER C 71 -3.14 26.19 -18.49
C SER C 71 -3.76 24.80 -18.39
N ARG C 72 -5.08 24.76 -18.49
CA ARG C 72 -5.80 23.51 -18.32
C ARG C 72 -7.10 23.55 -19.11
N ASP C 73 -7.52 22.38 -19.58
CA ASP C 73 -8.82 22.21 -20.22
C ASP C 73 -9.55 21.08 -19.50
N ASN C 74 -10.71 21.40 -18.93
CA ASN C 74 -11.50 20.38 -18.26
C ASN C 74 -12.30 19.52 -19.24
N SER C 75 -12.45 19.97 -20.49
CA SER C 75 -13.16 19.16 -21.47
C SER C 75 -12.30 17.98 -21.93
N LYS C 76 -11.07 18.26 -22.35
CA LYS C 76 -10.14 17.21 -22.77
C LYS C 76 -9.33 16.66 -21.60
N ASN C 77 -9.66 17.05 -20.37
CA ASN C 77 -8.96 16.61 -19.16
C ASN C 77 -7.44 16.71 -19.32
N THR C 78 -6.98 17.91 -19.65
CA THR C 78 -5.59 18.13 -20.04
C THR C 78 -4.99 19.22 -19.19
N LEU C 79 -3.78 19.00 -18.68
CA LEU C 79 -2.97 20.02 -18.04
C LEU C 79 -1.78 20.31 -18.92
N SER C 80 -1.36 21.57 -18.99
CA SER C 80 -0.33 21.95 -19.95
C SER C 80 0.51 23.09 -19.38
N LEU C 81 1.77 23.13 -19.82
CA LEU C 81 2.74 24.12 -19.38
C LEU C 81 3.52 24.62 -20.58
N GLN C 82 3.80 25.92 -20.60
CA GLN C 82 4.52 26.57 -21.68
C GLN C 82 5.63 27.42 -21.05
N MET C 83 6.85 27.28 -21.53
CA MET C 83 7.93 28.08 -20.96
C MET C 83 8.89 28.53 -22.05
N ASN C 84 9.25 29.81 -22.03
CA ASN C 84 10.06 30.41 -23.07
C ASN C 84 11.40 30.87 -22.51
N SER C 85 12.36 31.11 -23.41
CA SER C 85 13.69 31.60 -23.09
C SER C 85 14.42 30.64 -22.15
N LEU C 86 14.60 29.41 -22.64
CA LEU C 86 15.17 28.34 -21.84
C LEU C 86 16.68 28.43 -21.78
N GLY C 87 17.24 28.14 -20.61
CA GLY C 87 18.67 28.10 -20.42
C GLY C 87 19.08 26.79 -19.77
N PRO C 88 20.39 26.57 -19.59
CA PRO C 88 20.84 25.27 -19.06
C PRO C 88 20.32 24.95 -17.68
N GLU C 89 20.00 25.97 -16.88
CA GLU C 89 19.39 25.74 -15.57
C GLU C 89 17.94 25.26 -15.66
N ASP C 90 17.41 25.06 -16.86
CA ASP C 90 16.04 24.58 -17.05
C ASP C 90 15.96 23.15 -17.55
N THR C 91 17.07 22.58 -18.05
CA THR C 91 17.10 21.16 -18.37
C THR C 91 16.79 20.35 -17.12
N ALA C 92 15.71 19.57 -17.17
CA ALA C 92 15.26 18.87 -15.96
C ALA C 92 14.10 17.94 -16.32
N LEU C 93 13.64 17.22 -15.31
CA LEU C 93 12.38 16.49 -15.38
C LEU C 93 11.26 17.38 -14.86
N TYR C 94 10.11 17.30 -15.51
CA TYR C 94 8.92 18.05 -15.14
C TYR C 94 7.83 17.06 -14.77
N TYR C 95 7.33 17.17 -13.54
CA TYR C 95 6.26 16.33 -13.03
C TYR C 95 4.97 17.16 -12.98
N CYS C 96 3.93 16.62 -13.60
CA CYS C 96 2.57 17.13 -13.40
C CYS C 96 1.96 16.34 -12.25
N ALA C 97 1.58 17.03 -11.18
CA ALA C 97 1.22 16.31 -9.96
C ALA C 97 0.17 17.06 -9.17
N LYS C 98 -0.64 16.31 -8.43
CA LYS C 98 -1.59 16.88 -7.47
C LYS C 98 -0.97 16.77 -6.09
N LEU C 99 -0.47 17.89 -5.60
CA LEU C 99 0.10 18.01 -4.27
C LEU C 99 -0.93 18.55 -3.29
N PRO C 100 -0.70 18.38 -1.99
CA PRO C 100 -1.53 19.10 -1.01
C PRO C 100 -1.23 20.59 -1.07
N SER C 101 -2.29 21.39 -1.06
CA SER C 101 -2.15 22.83 -1.23
C SER C 101 -3.23 23.52 -0.39
N PRO C 102 -3.25 24.85 -0.33
CA PRO C 102 -4.38 25.54 0.30
C PRO C 102 -5.71 25.06 -0.29
N TYR C 103 -6.75 25.10 0.56
CA TYR C 103 -8.00 24.44 0.22
C TYR C 103 -8.69 25.07 -0.98
N TYR C 104 -8.54 26.39 -1.17
CA TYR C 104 -9.29 27.10 -2.21
C TYR C 104 -8.83 26.73 -3.62
N PHE C 105 -7.68 26.08 -3.77
CA PHE C 105 -7.25 25.67 -5.11
C PHE C 105 -8.07 24.52 -5.65
N ASP C 106 -8.60 23.67 -4.78
CA ASP C 106 -9.48 22.58 -5.18
C ASP C 106 -10.94 23.01 -4.98
N SER C 107 -11.84 22.21 -5.53
CA SER C 107 -13.25 22.57 -5.55
C SER C 107 -13.87 22.49 -4.15
N ARG C 108 -15.15 22.83 -4.09
CA ARG C 108 -15.90 22.71 -2.85
C ARG C 108 -16.19 21.26 -2.50
N PHE C 109 -16.36 20.41 -3.51
CA PHE C 109 -16.75 19.03 -3.27
C PHE C 109 -15.64 18.19 -2.64
N VAL C 110 -14.38 18.63 -2.73
CA VAL C 110 -13.26 17.85 -2.24
C VAL C 110 -12.52 18.56 -1.11
N TRP C 111 -13.12 19.60 -0.53
CA TRP C 111 -12.49 20.28 0.60
C TRP C 111 -12.29 19.34 1.78
N VAL C 112 -13.31 18.54 2.09
CA VAL C 112 -13.29 17.62 3.22
C VAL C 112 -13.29 16.20 2.68
N ALA C 113 -12.25 15.44 3.01
CA ALA C 113 -12.18 14.04 2.62
C ALA C 113 -11.13 13.33 3.46
N ALA C 114 -11.36 12.05 3.71
CA ALA C 114 -10.41 11.21 4.42
C ALA C 114 -9.35 10.61 3.51
N SER C 115 -9.44 10.86 2.20
CA SER C 115 -8.56 10.22 1.23
C SER C 115 -7.30 11.04 0.94
N ALA C 116 -7.47 12.35 0.71
CA ALA C 116 -6.38 13.23 0.24
C ALA C 116 -5.81 12.75 -1.09
N PHE C 117 -6.66 12.89 -2.12
CA PHE C 117 -6.28 12.52 -3.48
C PHE C 117 -4.92 13.12 -3.86
N HIS C 118 -4.07 12.28 -4.46
CA HIS C 118 -2.71 12.67 -4.77
C HIS C 118 -2.17 11.76 -5.86
N PHE C 119 -1.21 12.30 -6.62
CA PHE C 119 -0.45 11.54 -7.60
C PHE C 119 0.68 12.41 -8.12
N TRP C 120 1.78 11.77 -8.46
CA TRP C 120 2.87 12.39 -9.20
C TRP C 120 2.98 11.65 -10.52
N GLY C 121 3.09 12.41 -11.60
CA GLY C 121 3.36 11.79 -12.87
C GLY C 121 4.82 11.37 -12.98
N GLN C 122 5.08 10.45 -13.89
CA GLN C 122 6.46 10.15 -14.22
C GLN C 122 7.12 11.41 -14.81
N GLY C 123 8.45 11.42 -14.81
CA GLY C 123 9.15 12.59 -15.28
C GLY C 123 8.92 12.85 -16.76
N ILE C 124 8.91 14.13 -17.13
CA ILE C 124 8.99 14.55 -18.53
C ILE C 124 10.35 15.22 -18.70
N LEU C 125 11.23 14.61 -19.47
CA LEU C 125 12.61 15.08 -19.59
C LEU C 125 12.71 16.13 -20.70
N VAL C 126 13.18 17.32 -20.35
CA VAL C 126 13.55 18.32 -21.36
C VAL C 126 15.01 18.69 -21.15
N THR C 127 15.72 18.85 -22.27
CA THR C 127 17.15 19.13 -22.25
C THR C 127 17.42 20.28 -23.21
N VAL C 128 18.14 21.30 -22.75
CA VAL C 128 18.55 22.42 -23.59
C VAL C 128 20.04 22.29 -23.85
N SER C 129 20.40 22.03 -25.10
CA SER C 129 21.81 21.94 -25.48
C SER C 129 21.89 22.00 -27.00
N SER C 130 23.11 22.04 -27.50
CA SER C 130 23.33 22.08 -28.95
C SER C 130 22.85 20.77 -29.59
N ALA C 131 22.49 20.87 -30.85
CA ALA C 131 21.73 19.84 -31.56
C ALA C 131 22.58 18.65 -31.97
N SER C 132 22.07 17.86 -32.93
CA SER C 132 22.70 16.64 -33.41
C SER C 132 22.73 15.55 -32.34
N THR C 133 21.55 15.12 -31.90
CA THR C 133 21.42 13.95 -31.02
C THR C 133 21.89 12.72 -31.77
N LYS C 134 22.99 12.12 -31.34
CA LYS C 134 23.57 10.96 -32.02
C LYS C 134 23.28 9.67 -31.26
N GLY C 135 23.12 8.57 -32.00
CA GLY C 135 22.79 7.31 -31.42
C GLY C 135 23.92 6.73 -30.61
N PRO C 136 23.70 5.54 -30.04
CA PRO C 136 24.66 4.95 -29.11
C PRO C 136 25.66 4.02 -29.78
N SER C 137 26.73 3.73 -29.03
CA SER C 137 27.72 2.72 -29.43
C SER C 137 27.88 1.74 -28.28
N VAL C 138 27.60 0.46 -28.55
CA VAL C 138 27.52 -0.56 -27.51
C VAL C 138 28.67 -1.55 -27.70
N PHE C 139 29.41 -1.81 -26.61
CA PHE C 139 30.52 -2.74 -26.58
C PHE C 139 30.31 -3.79 -25.49
N PRO C 140 30.56 -5.06 -25.78
CA PRO C 140 30.53 -6.07 -24.72
C PRO C 140 31.77 -5.98 -23.86
N LEU C 141 31.60 -6.30 -22.57
CA LEU C 141 32.67 -6.28 -21.59
C LEU C 141 32.70 -7.64 -20.91
N ALA C 142 33.70 -8.45 -21.24
CA ALA C 142 33.85 -9.80 -20.71
C ALA C 142 35.27 -10.02 -20.22
N PRO C 143 35.47 -10.90 -19.23
CA PRO C 143 36.82 -11.20 -18.72
C PRO C 143 37.58 -12.16 -19.63
N THR C 152 32.48 -17.25 -9.21
CA THR C 152 32.63 -15.80 -9.19
C THR C 152 33.09 -15.28 -10.56
N ALA C 153 32.32 -14.37 -11.14
CA ALA C 153 32.61 -13.81 -12.45
C ALA C 153 31.77 -12.56 -12.65
N ALA C 154 32.10 -11.79 -13.69
CA ALA C 154 31.38 -10.56 -13.98
C ALA C 154 31.42 -10.29 -15.48
N LEU C 155 30.32 -9.73 -16.00
CA LEU C 155 30.30 -9.33 -17.41
C LEU C 155 29.18 -8.32 -17.62
N GLY C 156 29.28 -7.56 -18.71
CA GLY C 156 28.26 -6.56 -18.97
C GLY C 156 28.40 -5.90 -20.33
N CYS C 157 27.75 -4.73 -20.45
CA CYS C 157 27.72 -3.95 -21.68
C CYS C 157 27.99 -2.49 -21.35
N LEU C 158 28.86 -1.86 -22.15
CA LEU C 158 29.13 -0.43 -22.01
C LEU C 158 28.60 0.29 -23.25
N VAL C 159 27.72 1.26 -23.03
CA VAL C 159 27.09 2.02 -24.09
C VAL C 159 27.55 3.47 -23.95
N LYS C 160 28.25 3.97 -24.95
CA LYS C 160 28.85 5.29 -24.87
C LYS C 160 28.54 6.10 -26.13
N ASP C 161 28.85 7.40 -26.03
CA ASP C 161 28.79 8.33 -27.16
C ASP C 161 27.36 8.46 -27.69
N TYR C 162 26.47 8.89 -26.81
CA TYR C 162 25.12 9.18 -27.22
C TYR C 162 24.65 10.43 -26.50
N PHE C 163 23.61 11.02 -27.06
CA PHE C 163 22.85 12.11 -26.47
C PHE C 163 21.54 12.10 -27.25
N PRO C 164 20.38 12.28 -26.59
CA PRO C 164 20.16 12.67 -25.18
C PRO C 164 20.53 11.61 -24.14
N GLU C 165 20.05 11.85 -22.93
CA GLU C 165 20.23 10.83 -21.90
C GLU C 165 19.20 9.68 -21.96
N PRO C 166 17.93 9.86 -22.42
CA PRO C 166 16.96 8.75 -22.33
C PRO C 166 17.47 7.43 -22.89
N VAL C 167 17.78 6.49 -22.00
CA VAL C 167 18.36 5.21 -22.37
C VAL C 167 17.84 4.16 -21.42
N THR C 168 17.62 2.95 -21.95
CA THR C 168 17.20 1.83 -21.13
C THR C 168 17.98 0.61 -21.58
N VAL C 169 18.22 -0.30 -20.64
CA VAL C 169 18.98 -1.52 -20.91
C VAL C 169 18.23 -2.71 -20.31
N SER C 170 17.98 -3.71 -21.14
CA SER C 170 17.42 -4.99 -20.73
C SER C 170 18.43 -6.09 -21.03
N TRP C 171 18.18 -7.28 -20.48
CA TRP C 171 19.08 -8.41 -20.65
C TRP C 171 18.30 -9.60 -21.21
N ASN C 172 18.68 -10.04 -22.40
CA ASN C 172 18.19 -11.28 -23.01
C ASN C 172 16.66 -11.30 -23.09
N SER C 173 16.12 -10.25 -23.74
CA SER C 173 14.68 -10.05 -23.86
C SER C 173 14.03 -9.96 -22.48
N GLY C 174 14.69 -9.28 -21.56
CA GLY C 174 14.16 -9.12 -20.21
C GLY C 174 14.17 -10.39 -19.39
N ALA C 175 15.25 -11.16 -19.45
CA ALA C 175 15.37 -12.40 -18.69
C ALA C 175 16.23 -12.23 -17.44
N LEU C 176 17.49 -11.80 -17.61
CA LEU C 176 18.39 -11.62 -16.48
C LEU C 176 17.92 -10.43 -15.66
N THR C 177 17.41 -10.71 -14.45
CA THR C 177 16.79 -9.68 -13.61
C THR C 177 17.51 -9.45 -12.29
N SER C 178 18.46 -10.30 -11.92
CA SER C 178 19.15 -10.18 -10.63
C SER C 178 20.62 -9.85 -10.83
N GLY C 179 21.24 -9.34 -9.77
CA GLY C 179 22.65 -9.00 -9.79
C GLY C 179 23.01 -7.89 -10.75
N VAL C 180 22.02 -7.40 -11.49
CA VAL C 180 22.25 -6.40 -12.53
C VAL C 180 22.46 -5.04 -11.88
N HIS C 181 23.46 -4.31 -12.39
CA HIS C 181 23.76 -2.97 -11.93
C HIS C 181 23.92 -2.07 -13.15
N THR C 182 22.93 -1.22 -13.39
CA THR C 182 22.98 -0.23 -14.46
C THR C 182 23.55 1.06 -13.90
N PHE C 183 24.64 1.54 -14.49
CA PHE C 183 25.20 2.67 -13.76
C PHE C 183 24.65 3.99 -14.28
N PRO C 184 24.35 4.92 -13.38
CA PRO C 184 23.86 6.24 -13.80
C PRO C 184 24.85 6.93 -14.73
N ALA C 185 24.32 7.61 -15.75
CA ALA C 185 25.14 8.22 -16.76
C ALA C 185 26.00 9.34 -16.17
N VAL C 186 27.10 9.64 -16.86
CA VAL C 186 27.97 10.75 -16.52
C VAL C 186 28.24 11.56 -17.79
N LEU C 187 28.19 12.87 -17.67
CA LEU C 187 28.47 13.77 -18.80
C LEU C 187 29.96 14.11 -18.81
N GLN C 188 30.45 14.48 -19.99
CA GLN C 188 31.88 14.71 -20.19
C GLN C 188 32.15 16.09 -20.77
N SER C 189 33.39 16.34 -21.19
CA SER C 189 33.71 17.61 -21.82
C SER C 189 32.95 17.80 -23.13
N SER C 190 32.54 16.71 -23.77
CA SER C 190 31.71 16.73 -24.96
C SER C 190 30.27 16.38 -24.62
N GLY C 191 29.37 16.69 -25.55
CA GLY C 191 27.96 16.38 -25.36
C GLY C 191 27.65 14.91 -25.57
N LEU C 192 28.35 14.04 -24.85
CA LEU C 192 28.24 12.60 -25.00
C LEU C 192 27.92 11.98 -23.65
N TYR C 193 27.14 10.91 -23.68
CA TYR C 193 26.75 10.20 -22.47
C TYR C 193 27.33 8.79 -22.47
N SER C 194 27.55 8.26 -21.26
CA SER C 194 28.06 6.92 -21.07
C SER C 194 27.15 6.17 -20.09
N LEU C 195 27.19 4.84 -20.18
CA LEU C 195 26.33 4.02 -19.33
C LEU C 195 26.90 2.60 -19.29
N SER C 196 27.33 2.17 -18.11
CA SER C 196 27.80 0.81 -17.91
C SER C 196 26.68 -0.01 -17.27
N SER C 197 26.52 -1.26 -17.74
CA SER C 197 25.48 -2.15 -17.21
C SER C 197 26.13 -3.52 -17.02
N VAL C 198 26.47 -3.83 -15.76
CA VAL C 198 27.23 -5.03 -15.45
C VAL C 198 26.34 -6.01 -14.67
N VAL C 199 26.84 -7.23 -14.52
CA VAL C 199 26.17 -8.26 -13.71
C VAL C 199 27.24 -9.24 -13.25
N THR C 200 27.19 -9.58 -11.95
CA THR C 200 28.04 -10.62 -11.38
C THR C 200 27.39 -11.97 -11.66
N VAL C 201 28.04 -12.77 -12.50
CA VAL C 201 27.53 -14.08 -12.90
C VAL C 201 28.59 -15.10 -12.48
N PRO C 202 28.22 -16.32 -12.07
CA PRO C 202 29.22 -17.28 -11.59
C PRO C 202 30.24 -17.62 -12.66
N SER C 203 31.40 -18.10 -12.21
CA SER C 203 32.41 -18.62 -13.11
C SER C 203 32.03 -19.98 -13.69
N SER C 204 30.83 -20.47 -13.39
CA SER C 204 30.34 -21.74 -13.89
C SER C 204 29.28 -21.57 -14.98
N SER C 205 29.27 -20.41 -15.65
CA SER C 205 28.35 -20.17 -16.76
C SER C 205 29.05 -19.46 -17.90
N LEU C 206 30.33 -19.80 -18.12
CA LEU C 206 31.03 -19.31 -19.31
C LEU C 206 30.48 -19.92 -20.59
N GLY C 207 29.85 -21.08 -20.50
CA GLY C 207 29.24 -21.72 -21.65
C GLY C 207 27.88 -22.32 -21.34
N THR C 208 27.44 -22.19 -20.09
CA THR C 208 26.12 -22.71 -19.71
C THR C 208 25.02 -22.03 -20.51
N GLN C 209 24.89 -20.71 -20.34
CA GLN C 209 23.97 -19.93 -21.15
C GLN C 209 24.57 -18.53 -21.28
N THR C 210 25.28 -18.28 -22.37
CA THR C 210 25.89 -16.97 -22.61
C THR C 210 24.80 -15.90 -22.70
N TYR C 211 25.18 -14.68 -22.35
CA TYR C 211 24.22 -13.59 -22.19
C TYR C 211 24.42 -12.52 -23.26
N ILE C 212 23.30 -11.87 -23.61
CA ILE C 212 23.27 -10.81 -24.61
C ILE C 212 22.40 -9.68 -24.07
N CYS C 213 22.90 -8.45 -24.14
CA CYS C 213 22.17 -7.28 -23.67
C CYS C 213 21.45 -6.60 -24.83
N ASN C 214 20.39 -5.88 -24.48
CA ASN C 214 19.63 -5.07 -25.41
C ASN C 214 19.56 -3.65 -24.86
N VAL C 215 19.71 -2.67 -25.73
CA VAL C 215 19.71 -1.26 -25.33
C VAL C 215 18.67 -0.54 -26.17
N ASN C 216 17.66 0.01 -25.50
CA ASN C 216 16.59 0.78 -26.13
C ASN C 216 16.91 2.25 -25.94
N HIS C 217 17.19 2.94 -27.04
CA HIS C 217 17.31 4.39 -27.08
C HIS C 217 16.18 4.91 -27.95
N LYS C 218 15.18 5.54 -27.31
CA LYS C 218 13.99 5.98 -28.05
C LYS C 218 14.26 7.16 -28.95
N PRO C 219 14.85 8.29 -28.49
CA PRO C 219 14.99 9.43 -29.41
C PRO C 219 16.14 9.25 -30.39
N SER C 220 16.31 8.03 -30.88
CA SER C 220 17.11 7.78 -32.07
C SER C 220 16.56 6.63 -32.91
N ASN C 221 15.42 6.06 -32.54
CA ASN C 221 14.90 4.82 -33.14
C ASN C 221 15.94 3.71 -33.07
N THR C 222 16.42 3.44 -31.86
CA THR C 222 17.54 2.52 -31.66
C THR C 222 17.16 1.39 -30.70
N LYS C 223 17.38 0.15 -31.14
CA LYS C 223 17.25 -1.05 -30.32
C LYS C 223 18.44 -1.95 -30.67
N VAL C 224 19.54 -1.78 -29.95
CA VAL C 224 20.80 -2.43 -30.28
C VAL C 224 21.00 -3.64 -29.38
N ASP C 225 21.24 -4.80 -29.99
CA ASP C 225 21.50 -6.04 -29.27
C ASP C 225 22.95 -6.46 -29.46
N LYS C 226 23.57 -6.93 -28.37
CA LYS C 226 24.98 -7.33 -28.44
C LYS C 226 25.27 -8.36 -27.35
N ARG C 227 25.95 -9.45 -27.73
CA ARG C 227 26.24 -10.55 -26.83
C ARG C 227 27.63 -10.39 -26.20
N VAL C 228 27.78 -10.89 -24.97
CA VAL C 228 29.00 -10.73 -24.20
C VAL C 228 29.56 -12.10 -23.84
N GLU C 229 30.85 -12.31 -24.13
CA GLU C 229 31.59 -13.50 -23.72
C GLU C 229 33.07 -13.34 -24.05
N PRO C 230 33.97 -13.93 -23.28
CA PRO C 230 35.40 -13.88 -23.61
C PRO C 230 35.74 -14.80 -24.77
N LYS C 231 37.00 -14.71 -25.20
CA LYS C 231 37.48 -15.53 -26.31
C LYS C 231 37.97 -16.89 -25.81
N MET D 1 13.92 28.88 0.42
CA MET D 1 14.13 27.44 0.50
C MET D 1 13.97 26.93 1.93
N LEU D 2 13.77 25.62 2.07
CA LEU D 2 13.62 24.98 3.36
C LEU D 2 14.87 24.18 3.72
N THR D 3 15.17 24.11 5.01
CA THR D 3 16.44 23.62 5.50
C THR D 3 16.29 22.17 5.96
N GLN D 4 16.82 21.23 5.17
CA GLN D 4 16.92 19.85 5.57
C GLN D 4 18.38 19.43 5.60
N PRO D 5 18.83 18.74 6.64
CA PRO D 5 20.20 18.22 6.66
C PRO D 5 20.45 17.29 5.49
N PRO D 6 21.65 17.33 4.91
CA PRO D 6 21.89 16.53 3.69
C PRO D 6 21.74 15.03 3.91
N SER D 7 22.14 14.53 5.07
CA SER D 7 22.22 13.09 5.30
C SER D 7 21.56 12.72 6.62
N ALA D 8 20.98 11.51 6.63
CA ALA D 8 20.53 10.84 7.84
C ALA D 8 21.07 9.41 7.82
N SER D 9 21.02 8.76 8.98
CA SER D 9 21.65 7.45 9.11
C SER D 9 21.04 6.70 10.28
N GLY D 10 21.24 5.38 10.27
CA GLY D 10 20.74 4.56 11.35
C GLY D 10 21.00 3.09 11.09
N THR D 11 20.41 2.24 11.95
CA THR D 11 20.42 0.78 11.88
C THR D 11 19.00 0.27 11.59
N PRO D 12 18.88 -0.89 10.93
CA PRO D 12 17.54 -1.46 10.71
C PRO D 12 16.73 -1.54 11.99
N GLY D 13 15.58 -0.88 12.04
CA GLY D 13 14.82 -0.76 13.26
C GLY D 13 15.48 0.18 14.26
N GLN D 14 15.51 1.47 13.94
CA GLN D 14 16.07 2.47 14.85
C GLN D 14 15.21 3.72 15.01
N ARG D 15 14.18 3.93 14.20
CA ARG D 15 13.31 5.10 14.27
C ARG D 15 14.11 6.40 14.05
N VAL D 16 14.58 6.54 12.81
CA VAL D 16 15.28 7.76 12.43
C VAL D 16 14.31 8.93 12.36
N THR D 17 14.85 10.15 12.45
CA THR D 17 14.05 11.37 12.34
C THR D 17 14.76 12.37 11.45
N ILE D 18 14.00 12.97 10.53
CA ILE D 18 14.47 14.05 9.67
C ILE D 18 13.79 15.33 10.12
N SER D 19 14.51 16.45 10.04
CA SER D 19 13.96 17.73 10.46
C SER D 19 13.91 18.70 9.29
N CYS D 20 13.15 19.76 9.47
CA CYS D 20 12.88 20.72 8.41
C CYS D 20 12.59 22.06 9.07
N SER D 21 13.49 23.03 8.90
CA SER D 21 13.28 24.36 9.45
C SER D 21 12.79 25.31 8.37
N GLY D 22 11.92 26.24 8.76
CA GLY D 22 11.36 27.18 7.81
C GLY D 22 11.30 28.60 8.35
N SER D 23 10.28 29.34 7.94
CA SER D 23 10.12 30.74 8.33
C SER D 23 8.66 30.99 8.69
N SER D 24 8.41 32.15 9.30
CA SER D 24 7.05 32.53 9.65
C SER D 24 6.15 32.61 8.43
N SER D 25 6.72 32.76 7.23
CA SER D 25 5.91 32.94 6.03
C SER D 25 5.25 31.65 5.57
N ASN D 26 5.88 30.50 5.81
CA ASN D 26 5.38 29.23 5.32
C ASN D 26 4.95 28.26 6.41
N ILE D 27 5.85 27.86 7.31
CA ILE D 27 5.51 26.79 8.24
C ILE D 27 4.75 27.33 9.44
N GLY D 28 5.17 28.48 9.97
CA GLY D 28 4.45 29.08 11.08
C GLY D 28 3.00 29.39 10.77
N GLY D 29 2.64 29.49 9.49
CA GLY D 29 1.28 29.84 9.10
C GLY D 29 0.54 28.73 8.37
N ASN D 30 1.27 27.81 7.75
CA ASN D 30 0.67 26.75 6.95
C ASN D 30 1.19 25.39 7.39
N THR D 31 0.45 24.35 7.01
CA THR D 31 0.84 22.98 7.28
C THR D 31 1.95 22.55 6.34
N VAL D 32 2.66 21.49 6.72
CA VAL D 32 3.75 20.94 5.93
C VAL D 32 3.34 19.59 5.35
N HIS D 33 4.18 19.06 4.48
CA HIS D 33 3.97 17.72 3.95
C HIS D 33 5.30 17.15 3.50
N TRP D 34 5.32 15.83 3.35
CA TRP D 34 6.54 15.06 3.18
C TRP D 34 6.35 14.04 2.07
N PHE D 35 7.28 14.04 1.12
CA PHE D 35 7.30 13.12 -0.01
C PHE D 35 8.53 12.23 0.06
N GLN D 36 8.40 11.03 -0.52
CA GLN D 36 9.48 10.06 -0.62
C GLN D 36 9.77 9.78 -2.08
N GLN D 37 11.04 9.84 -2.47
CA GLN D 37 11.47 9.56 -3.83
C GLN D 37 12.46 8.40 -3.78
N LEU D 38 12.00 7.23 -4.22
CA LEU D 38 12.90 6.10 -4.39
C LEU D 38 13.79 6.36 -5.59
N PRO D 39 15.07 5.98 -5.52
CA PRO D 39 16.01 6.28 -6.61
C PRO D 39 15.50 5.83 -7.97
N GLY D 40 15.49 6.77 -8.92
CA GLY D 40 15.11 6.48 -10.29
C GLY D 40 13.63 6.49 -10.58
N THR D 41 12.80 6.96 -9.65
CA THR D 41 11.34 6.94 -9.82
C THR D 41 10.75 8.25 -9.32
N ALA D 42 9.47 8.45 -9.65
CA ALA D 42 8.78 9.67 -9.26
C ALA D 42 8.56 9.69 -7.74
N PRO D 43 8.54 10.88 -7.13
CA PRO D 43 8.26 10.97 -5.70
C PRO D 43 6.87 10.50 -5.35
N LYS D 44 6.71 10.04 -4.11
CA LYS D 44 5.44 9.57 -3.57
C LYS D 44 5.14 10.35 -2.30
N LEU D 45 3.85 10.55 -2.04
CA LEU D 45 3.42 11.36 -0.91
C LEU D 45 3.35 10.49 0.35
N LEU D 46 4.04 10.91 1.40
CA LEU D 46 4.05 10.21 2.68
C LEU D 46 3.13 10.87 3.70
N ILE D 47 3.35 12.14 3.97
CA ILE D 47 2.68 12.83 5.07
C ILE D 47 2.06 14.11 4.52
N TYR D 48 0.88 14.46 5.01
CA TYR D 48 0.26 15.74 4.71
C TYR D 48 -0.48 16.24 5.95
N THR D 49 -0.70 17.56 6.01
CA THR D 49 -1.27 18.21 7.20
C THR D 49 -0.46 17.85 8.45
N ASN D 50 0.83 17.64 8.25
CA ASN D 50 1.87 17.51 9.28
C ASN D 50 1.79 16.21 10.05
N SER D 51 0.69 15.48 9.95
CA SER D 51 0.61 14.21 10.66
C SER D 51 -0.20 13.14 9.94
N LEU D 52 -0.72 13.40 8.76
CA LEU D 52 -1.70 12.51 8.14
C LEU D 52 -1.04 11.68 7.05
N ARG D 53 -1.34 10.41 7.05
CA ARG D 53 -0.85 9.52 6.02
C ARG D 53 -1.98 9.11 5.11
N PRO D 54 -1.75 9.04 3.80
CA PRO D 54 -2.81 8.59 2.89
C PRO D 54 -3.06 7.10 2.98
N SER D 55 -3.90 6.57 2.09
CA SER D 55 -4.32 5.18 2.19
C SER D 55 -3.14 4.22 2.12
N GLY D 56 -2.24 4.43 1.16
CA GLY D 56 -1.18 3.46 0.95
C GLY D 56 -0.14 3.41 2.05
N VAL D 57 0.03 4.48 2.80
CA VAL D 57 1.21 4.64 3.65
C VAL D 57 1.05 3.79 4.90
N PRO D 58 2.08 3.03 5.30
CA PRO D 58 2.04 2.33 6.59
C PRO D 58 2.24 3.30 7.75
N ASP D 59 1.71 2.91 8.92
CA ASP D 59 1.80 3.75 10.12
C ASP D 59 3.21 3.85 10.68
N ARG D 60 4.23 3.30 10.01
CA ARG D 60 5.61 3.47 10.47
C ARG D 60 6.07 4.92 10.29
N PHE D 61 5.56 5.61 9.28
CA PHE D 61 5.91 7.00 9.03
C PHE D 61 5.00 7.92 9.82
N SER D 62 5.59 8.83 10.58
CA SER D 62 4.83 9.80 11.35
C SER D 62 5.42 11.19 11.14
N GLY D 63 4.61 12.21 11.41
CA GLY D 63 5.05 13.57 11.23
C GLY D 63 4.65 14.45 12.41
N SER D 64 5.29 15.61 12.48
CA SER D 64 4.95 16.61 13.49
C SER D 64 5.42 17.98 13.00
N LYS D 65 4.89 19.02 13.63
CA LYS D 65 5.27 20.40 13.32
C LYS D 65 4.97 21.28 14.52
N SER D 66 5.93 22.14 14.86
CA SER D 66 5.74 23.16 15.88
C SER D 66 6.47 24.42 15.45
N GLY D 67 5.76 25.55 15.45
CA GLY D 67 6.37 26.82 15.10
C GLY D 67 6.94 26.85 13.70
N THR D 68 8.27 26.83 13.61
CA THR D 68 8.95 26.84 12.32
C THR D 68 9.74 25.56 12.08
N SER D 69 9.42 24.48 12.79
CA SER D 69 10.21 23.25 12.76
C SER D 69 9.29 22.06 12.58
N ALA D 70 9.47 21.33 11.49
CA ALA D 70 8.72 20.12 11.21
C ALA D 70 9.65 18.92 11.29
N SER D 71 9.07 17.76 11.61
CA SER D 71 9.83 16.55 11.83
C SER D 71 9.11 15.36 11.20
N LEU D 72 9.90 14.46 10.62
CA LEU D 72 9.40 13.27 9.93
C LEU D 72 10.13 12.06 10.49
N ALA D 73 9.41 11.21 11.21
CA ALA D 73 9.98 10.06 11.90
C ALA D 73 9.62 8.77 11.19
N ILE D 74 10.58 7.85 11.16
CA ILE D 74 10.41 6.51 10.60
C ILE D 74 10.77 5.50 11.68
N SER D 75 9.80 4.70 12.10
CA SER D 75 10.00 3.82 13.26
C SER D 75 10.71 2.52 12.88
N GLY D 76 10.06 1.69 12.08
CA GLY D 76 10.61 0.39 11.76
C GLY D 76 11.41 0.38 10.49
N LEU D 77 12.42 1.26 10.40
CA LEU D 77 13.15 1.41 9.14
C LEU D 77 13.79 0.09 8.74
N GLN D 78 13.79 -0.18 7.44
CA GLN D 78 14.15 -1.49 6.93
C GLN D 78 14.92 -1.33 5.62
N SER D 79 15.14 -2.45 4.95
CA SER D 79 16.02 -2.46 3.78
C SER D 79 15.49 -1.56 2.67
N GLU D 80 14.17 -1.49 2.53
CA GLU D 80 13.52 -0.86 1.39
C GLU D 80 13.13 0.59 1.67
N ASP D 81 13.90 1.29 2.51
CA ASP D 81 13.61 2.69 2.84
C ASP D 81 14.80 3.61 2.58
N GLU D 82 15.81 3.15 1.85
CA GLU D 82 16.90 4.02 1.43
C GLU D 82 16.43 4.80 0.21
N ALA D 83 16.21 6.10 0.39
CA ALA D 83 15.63 6.96 -0.64
C ALA D 83 15.87 8.41 -0.27
N ASP D 84 15.24 9.32 -1.00
CA ASP D 84 15.27 10.75 -0.72
C ASP D 84 13.96 11.21 -0.11
N TYR D 85 14.04 12.11 0.86
CA TYR D 85 12.86 12.55 1.60
C TYR D 85 12.77 14.07 1.55
N TYR D 86 11.65 14.59 1.07
CA TYR D 86 11.49 16.02 0.83
C TYR D 86 10.38 16.58 1.71
N CYS D 87 10.70 17.63 2.42
CA CYS D 87 9.75 18.43 3.18
C CYS D 87 9.34 19.63 2.36
N ALA D 88 8.04 19.97 2.40
CA ALA D 88 7.53 21.06 1.59
C ALA D 88 6.37 21.73 2.31
N ALA D 89 6.12 22.99 1.95
CA ALA D 89 5.04 23.75 2.59
C ALA D 89 4.67 24.93 1.70
N TRP D 90 3.46 25.42 1.88
CA TRP D 90 2.97 26.56 1.11
C TRP D 90 3.39 27.85 1.80
N ASP D 91 3.91 28.80 1.02
CA ASP D 91 4.31 30.10 1.51
C ASP D 91 3.35 31.16 0.99
N ASN D 92 2.86 32.01 1.91
CA ASN D 92 1.91 33.04 1.55
C ASN D 92 2.58 34.28 0.98
N SER D 93 3.81 34.57 1.43
CA SER D 93 4.54 35.70 0.86
C SER D 93 4.81 35.46 -0.62
N LEU D 94 5.53 34.38 -0.94
CA LEU D 94 5.76 34.02 -2.34
C LEU D 94 4.49 33.55 -3.03
N ASN D 95 3.41 33.30 -2.29
CA ASN D 95 2.17 32.74 -2.81
C ASN D 95 2.46 31.52 -3.69
N GLY D 96 3.15 30.57 -3.11
CA GLY D 96 3.54 29.38 -3.85
C GLY D 96 3.86 28.22 -2.94
N GLN D 97 4.54 27.23 -3.51
CA GLN D 97 4.91 26.02 -2.79
C GLN D 97 6.43 25.94 -2.74
N VAL D 98 7.00 25.95 -1.52
CA VAL D 98 8.43 25.92 -1.32
C VAL D 98 8.81 24.54 -0.76
N PHE D 99 9.78 23.90 -1.42
CA PHE D 99 10.25 22.57 -1.06
C PHE D 99 11.48 22.68 -0.15
N GLY D 100 11.91 21.52 0.35
CA GLY D 100 13.14 21.45 1.12
C GLY D 100 14.32 21.11 0.25
N GLY D 101 15.52 21.26 0.84
CA GLY D 101 16.72 20.89 0.12
C GLY D 101 16.72 19.42 -0.28
N GLY D 102 16.41 18.55 0.68
CA GLY D 102 16.46 17.12 0.45
C GLY D 102 17.36 16.46 1.46
N THR D 103 17.01 15.25 1.89
CA THR D 103 17.78 14.51 2.88
C THR D 103 17.93 13.07 2.41
N LYS D 104 19.17 12.58 2.40
CA LYS D 104 19.47 11.20 2.07
C LYS D 104 19.73 10.43 3.35
N LEU D 105 18.93 9.40 3.61
CA LEU D 105 19.14 8.55 4.78
C LEU D 105 19.68 7.19 4.35
N THR D 106 20.70 6.73 5.07
CA THR D 106 21.34 5.46 4.79
C THR D 106 21.13 4.53 5.99
N VAL D 107 21.22 3.23 5.74
CA VAL D 107 21.06 2.23 6.78
C VAL D 107 22.44 1.76 7.24
N LEU D 108 22.47 1.11 8.39
CA LEU D 108 23.70 0.50 8.90
C LEU D 108 24.01 -0.71 8.02
N GLY D 109 24.98 -0.55 7.12
CA GLY D 109 25.44 -1.68 6.35
C GLY D 109 26.46 -2.47 7.16
N GLN D 110 26.16 -3.73 7.45
CA GLN D 110 27.13 -4.61 8.07
C GLN D 110 28.40 -4.55 7.22
N PRO D 111 29.50 -4.01 7.76
CA PRO D 111 30.63 -3.66 6.88
C PRO D 111 31.34 -4.88 6.30
N LYS D 112 30.57 -5.78 5.69
CA LYS D 112 31.16 -6.85 4.91
C LYS D 112 32.03 -6.28 3.80
N ALA D 113 31.43 -5.49 2.93
CA ALA D 113 32.13 -4.60 1.99
C ALA D 113 33.28 -5.33 1.28
N ALA D 114 32.90 -6.34 0.51
CA ALA D 114 33.86 -7.15 -0.25
C ALA D 114 33.70 -6.83 -1.73
N PRO D 115 34.36 -5.77 -2.23
CA PRO D 115 34.24 -5.43 -3.66
C PRO D 115 34.63 -6.58 -4.58
N SER D 116 33.66 -7.09 -5.32
CA SER D 116 33.90 -8.18 -6.27
C SER D 116 34.54 -7.59 -7.54
N VAL D 117 35.76 -7.09 -7.37
CA VAL D 117 36.43 -6.34 -8.42
C VAL D 117 36.61 -7.21 -9.67
N THR D 118 36.50 -6.57 -10.84
CA THR D 118 36.65 -7.26 -12.12
C THR D 118 37.12 -6.24 -13.16
N LEU D 119 38.31 -6.47 -13.71
CA LEU D 119 38.87 -5.57 -14.72
C LEU D 119 38.43 -6.03 -16.11
N PHE D 120 37.94 -5.08 -16.91
CA PHE D 120 37.41 -5.37 -18.23
C PHE D 120 38.19 -4.62 -19.29
N PRO D 121 38.62 -5.30 -20.35
CA PRO D 121 39.41 -4.64 -21.40
C PRO D 121 38.52 -4.13 -22.50
N PRO D 122 39.06 -3.28 -23.39
CA PRO D 122 38.29 -2.86 -24.57
C PRO D 122 38.18 -3.98 -25.59
N SER D 123 37.08 -3.97 -26.33
CA SER D 123 36.78 -5.02 -27.30
C SER D 123 37.21 -4.60 -28.70
N SER D 124 36.81 -5.38 -29.71
CA SER D 124 37.28 -5.16 -31.07
C SER D 124 36.67 -3.90 -31.69
N GLU D 125 35.34 -3.85 -31.76
CA GLU D 125 34.67 -2.76 -32.46
C GLU D 125 35.02 -1.39 -31.88
N GLU D 126 35.40 -1.35 -30.60
CA GLU D 126 35.87 -0.10 -30.02
C GLU D 126 37.19 0.34 -30.64
N LEU D 127 38.12 -0.61 -30.81
CA LEU D 127 39.44 -0.27 -31.36
C LEU D 127 39.40 -0.06 -32.87
N GLN D 128 38.50 -0.75 -33.58
CA GLN D 128 38.33 -0.49 -35.00
C GLN D 128 37.94 0.96 -35.26
N ALA D 129 37.14 1.53 -34.37
CA ALA D 129 36.73 2.93 -34.43
C ALA D 129 37.76 3.87 -33.79
N ASN D 130 39.00 3.40 -33.62
CA ASN D 130 40.07 4.20 -33.03
C ASN D 130 39.70 4.68 -31.62
N LYS D 131 39.09 3.80 -30.84
CA LYS D 131 38.66 4.11 -29.48
C LYS D 131 39.09 2.98 -28.55
N ALA D 132 39.25 3.33 -27.27
CA ALA D 132 39.59 2.33 -26.27
C ALA D 132 39.10 2.81 -24.91
N THR D 133 38.54 1.89 -24.12
CA THR D 133 38.01 2.21 -22.80
C THR D 133 38.18 0.99 -21.91
N LEU D 134 39.13 1.08 -20.98
CA LEU D 134 39.37 0.01 -20.01
C LEU D 134 38.63 0.32 -18.72
N VAL D 135 37.89 -0.66 -18.20
CA VAL D 135 36.97 -0.42 -17.10
C VAL D 135 37.39 -1.25 -15.90
N CYS D 136 37.10 -0.72 -14.70
CA CYS D 136 37.38 -1.40 -13.44
C CYS D 136 36.24 -1.06 -12.49
N LEU D 137 35.55 -2.08 -11.98
CA LEU D 137 34.36 -1.89 -11.17
C LEU D 137 34.51 -2.55 -9.81
N ILE D 138 33.60 -2.18 -8.90
CA ILE D 138 33.53 -2.72 -7.55
C ILE D 138 32.05 -2.88 -7.20
N SER D 139 31.63 -4.11 -6.91
CA SER D 139 30.25 -4.39 -6.54
C SER D 139 30.17 -4.88 -5.11
N ASP D 140 29.04 -4.60 -4.45
CA ASP D 140 28.74 -5.11 -3.12
C ASP D 140 29.77 -4.67 -2.08
N PHE D 141 29.89 -3.35 -1.93
CA PHE D 141 30.82 -2.75 -0.96
C PHE D 141 30.09 -1.70 -0.15
N TYR D 142 30.81 -1.11 0.81
CA TYR D 142 30.27 -0.13 1.74
C TYR D 142 31.41 0.51 2.53
N PRO D 143 31.35 1.81 2.85
CA PRO D 143 30.34 2.81 2.48
C PRO D 143 30.65 3.54 1.18
N GLY D 144 30.01 4.69 0.98
CA GLY D 144 30.17 5.42 -0.27
C GLY D 144 31.57 5.95 -0.50
N ALA D 145 32.31 6.22 0.57
CA ALA D 145 33.63 6.82 0.47
C ALA D 145 34.66 5.77 0.02
N VAL D 146 35.35 6.04 -1.08
CA VAL D 146 36.36 5.15 -1.61
C VAL D 146 37.25 5.96 -2.54
N THR D 147 38.42 5.41 -2.88
CA THR D 147 39.27 6.04 -3.90
C THR D 147 39.87 4.97 -4.80
N VAL D 148 40.25 5.40 -6.01
CA VAL D 148 40.81 4.51 -7.02
C VAL D 148 42.14 5.11 -7.49
N ALA D 149 43.21 4.35 -7.36
CA ALA D 149 44.53 4.72 -7.85
C ALA D 149 44.76 4.05 -9.20
N TRP D 150 44.90 4.87 -10.25
CA TRP D 150 45.18 4.35 -11.57
C TRP D 150 46.65 3.96 -11.69
N LYS D 151 46.90 2.97 -12.55
CA LYS D 151 48.26 2.55 -12.88
C LYS D 151 48.31 2.37 -14.39
N ALA D 152 48.73 3.44 -15.09
CA ALA D 152 48.97 3.39 -16.53
C ALA D 152 50.45 3.07 -16.71
N ASP D 153 50.76 1.77 -16.69
CA ASP D 153 52.13 1.29 -16.54
C ASP D 153 52.78 1.89 -15.30
N SER D 154 52.06 1.78 -14.18
CA SER D 154 52.50 2.33 -12.88
C SER D 154 52.70 3.84 -12.95
N SER D 155 51.69 4.53 -13.49
CA SER D 155 51.71 5.97 -13.62
C SER D 155 50.31 6.53 -13.40
N PRO D 156 50.20 7.69 -12.73
CA PRO D 156 48.88 8.27 -12.45
C PRO D 156 48.44 9.27 -13.51
N VAL D 157 47.11 9.38 -13.64
CA VAL D 157 46.49 10.28 -14.60
C VAL D 157 45.55 11.21 -13.85
N LYS D 158 45.02 12.18 -14.58
CA LYS D 158 44.01 13.10 -14.07
C LYS D 158 42.72 12.93 -14.85
N ALA D 159 41.64 13.47 -14.30
CA ALA D 159 40.31 13.48 -14.92
C ALA D 159 39.85 12.06 -15.24
N GLY D 160 39.65 11.29 -14.17
CA GLY D 160 39.05 9.97 -14.25
C GLY D 160 37.63 10.01 -13.70
N VAL D 161 36.68 9.53 -14.51
CA VAL D 161 35.26 9.76 -14.29
C VAL D 161 34.58 8.43 -13.93
N GLU D 162 33.80 8.46 -12.84
CA GLU D 162 33.05 7.29 -12.39
C GLU D 162 31.77 7.76 -11.70
N THR D 163 30.81 6.84 -11.57
CA THR D 163 29.54 7.13 -10.93
C THR D 163 29.26 6.10 -9.86
N THR D 164 28.80 6.57 -8.70
CA THR D 164 28.41 5.71 -7.58
C THR D 164 26.91 5.48 -7.64
N THR D 165 26.51 4.21 -7.76
CA THR D 165 25.08 3.91 -7.76
C THR D 165 24.57 3.82 -6.33
N PRO D 166 23.29 4.14 -6.11
CA PRO D 166 22.75 4.08 -4.75
C PRO D 166 22.58 2.64 -4.28
N SER D 167 22.18 2.51 -3.02
CA SER D 167 22.11 1.21 -2.37
C SER D 167 21.08 0.32 -3.05
N LYS D 168 21.26 -0.98 -2.88
CA LYS D 168 20.28 -1.94 -3.37
C LYS D 168 19.13 -2.07 -2.38
N GLN D 169 17.94 -2.39 -2.92
CA GLN D 169 16.73 -2.38 -2.10
C GLN D 169 16.77 -3.43 -1.00
N SER D 170 17.39 -4.58 -1.28
CA SER D 170 17.46 -5.68 -0.33
C SER D 170 18.85 -5.85 0.27
N ASN D 171 19.88 -5.98 -0.57
CA ASN D 171 21.20 -6.36 -0.10
C ASN D 171 22.03 -5.18 0.40
N ASN D 172 21.59 -3.94 0.18
CA ASN D 172 22.30 -2.74 0.64
C ASN D 172 23.74 -2.71 0.15
N LYS D 173 23.93 -3.07 -1.13
CA LYS D 173 25.25 -3.23 -1.74
C LYS D 173 25.50 -2.06 -2.69
N TYR D 174 26.49 -1.23 -2.37
CA TYR D 174 26.92 -0.16 -3.25
C TYR D 174 27.64 -0.74 -4.48
N ALA D 175 28.03 0.15 -5.39
CA ALA D 175 28.79 -0.27 -6.57
C ALA D 175 29.33 0.96 -7.28
N ALA D 176 30.55 0.85 -7.77
CA ALA D 176 31.18 1.89 -8.58
C ALA D 176 31.80 1.25 -9.82
N SER D 177 32.06 2.07 -10.83
CA SER D 177 32.66 1.59 -12.07
C SER D 177 33.36 2.76 -12.75
N SER D 178 34.69 2.72 -12.81
CA SER D 178 35.48 3.77 -13.46
C SER D 178 36.08 3.22 -14.74
N TYR D 179 35.93 3.98 -15.83
CA TYR D 179 36.45 3.58 -17.13
C TYR D 179 37.32 4.70 -17.68
N LEU D 180 38.52 4.35 -18.13
CA LEU D 180 39.42 5.31 -18.77
C LEU D 180 39.39 5.09 -20.28
N SER D 181 39.25 6.19 -21.02
CA SER D 181 39.00 6.13 -22.46
C SER D 181 39.94 7.07 -23.20
N LEU D 182 40.58 6.55 -24.25
CA LEU D 182 41.40 7.36 -25.14
C LEU D 182 41.32 6.76 -26.55
N THR D 183 42.23 7.18 -27.41
CA THR D 183 42.36 6.67 -28.77
C THR D 183 43.51 5.68 -28.84
N PRO D 184 43.70 5.03 -29.99
CA PRO D 184 44.80 4.06 -30.11
C PRO D 184 46.18 4.68 -30.02
N GLU D 185 46.29 6.01 -30.10
CA GLU D 185 47.60 6.66 -30.01
C GLU D 185 48.25 6.40 -28.66
N GLN D 186 47.62 6.86 -27.58
CA GLN D 186 48.10 6.61 -26.23
C GLN D 186 47.65 5.26 -25.68
N TRP D 187 47.06 4.40 -26.51
CA TRP D 187 46.60 3.08 -26.08
C TRP D 187 47.65 2.00 -26.36
N LYS D 188 48.05 1.85 -27.63
CA LYS D 188 49.03 0.85 -28.02
C LYS D 188 50.46 1.24 -27.68
N SER D 189 50.66 2.38 -27.00
CA SER D 189 51.99 2.81 -26.58
C SER D 189 52.38 2.30 -25.19
N HIS D 190 51.44 1.67 -24.47
CA HIS D 190 51.70 1.08 -23.16
C HIS D 190 50.85 -0.18 -23.03
N ARG D 191 51.34 -1.12 -22.23
CA ARG D 191 50.81 -2.48 -22.27
C ARG D 191 50.12 -2.96 -21.01
N SER D 192 50.50 -2.47 -19.82
CA SER D 192 49.98 -2.98 -18.56
C SER D 192 49.12 -1.92 -17.89
N TYR D 193 47.81 -2.17 -17.82
CA TYR D 193 46.88 -1.31 -17.11
C TYR D 193 46.55 -1.93 -15.75
N SER D 194 46.28 -1.08 -14.76
CA SER D 194 45.95 -1.59 -13.44
C SER D 194 45.11 -0.59 -12.67
N CYS D 195 44.25 -1.12 -11.79
CA CYS D 195 43.46 -0.31 -10.88
C CYS D 195 43.71 -0.78 -9.45
N GLN D 196 43.83 0.17 -8.53
CA GLN D 196 44.12 -0.11 -7.13
C GLN D 196 43.04 0.52 -6.26
N VAL D 197 42.25 -0.30 -5.60
CA VAL D 197 41.21 0.18 -4.70
C VAL D 197 41.84 0.64 -3.40
N THR D 198 41.37 1.78 -2.89
CA THR D 198 41.69 2.27 -1.56
C THR D 198 40.36 2.42 -0.84
N HIS D 199 40.05 1.46 0.02
CA HIS D 199 38.73 1.31 0.63
C HIS D 199 38.90 0.98 2.11
N GLU D 200 37.89 1.37 2.90
CA GLU D 200 37.91 1.16 4.35
C GLU D 200 37.45 -0.24 4.75
N GLY D 201 37.45 -1.19 3.83
CA GLY D 201 36.97 -2.53 4.12
C GLY D 201 38.02 -3.62 4.06
N SER D 202 39.28 -3.25 3.82
CA SER D 202 40.37 -4.20 3.75
C SER D 202 41.62 -3.59 4.35
N THR D 203 42.72 -4.34 4.31
CA THR D 203 43.93 -3.95 5.01
C THR D 203 44.61 -2.75 4.34
N VAL D 204 45.06 -2.92 3.11
CA VAL D 204 45.73 -1.87 2.35
C VAL D 204 45.15 -1.86 0.94
N GLU D 205 45.56 -0.86 0.17
CA GLU D 205 45.12 -0.73 -1.21
C GLU D 205 45.42 -2.01 -1.98
N LYS D 206 44.52 -2.40 -2.88
CA LYS D 206 44.62 -3.67 -3.60
C LYS D 206 44.62 -3.43 -5.10
N THR D 207 45.60 -3.99 -5.79
CA THR D 207 45.79 -3.77 -7.22
C THR D 207 45.37 -5.01 -8.01
N VAL D 208 44.68 -4.77 -9.13
CA VAL D 208 44.43 -5.79 -10.14
C VAL D 208 44.83 -5.22 -11.49
N ALA D 209 45.25 -6.10 -12.40
CA ALA D 209 45.88 -5.58 -13.61
C ALA D 209 45.71 -6.45 -14.86
N PRO D 210 45.27 -5.86 -15.99
CA PRO D 210 45.43 -6.55 -17.27
C PRO D 210 46.67 -6.10 -18.00
N THR D 211 47.13 -6.88 -18.98
CA THR D 211 48.24 -6.50 -19.84
C THR D 211 47.80 -6.59 -21.29
N GLU D 212 48.61 -6.01 -22.18
CA GLU D 212 48.28 -5.95 -23.61
C GLU D 212 48.48 -7.34 -24.21
N CYS D 213 47.47 -8.18 -24.06
CA CYS D 213 47.51 -9.54 -24.57
C CYS D 213 46.11 -10.01 -24.99
C1 NAG E . -28.39 -9.59 6.45
C2 NAG E . -29.67 -8.74 6.43
C3 NAG E . -30.36 -8.81 7.79
C4 NAG E . -30.58 -10.26 8.20
C5 NAG E . -29.28 -11.06 8.09
C6 NAG E . -29.45 -12.53 8.36
C7 NAG E . -29.30 -6.92 4.81
C8 NAG E . -29.01 -5.46 4.63
N2 NAG E . -29.38 -7.36 6.08
O3 NAG E . -31.61 -8.12 7.73
O4 NAG E . -31.01 -10.29 9.57
O5 NAG E . -28.73 -10.94 6.78
O6 NAG E . -28.33 -13.25 7.85
O7 NAG E . -29.46 -7.67 3.86
C1 NAG E . -32.26 -11.01 9.65
C2 NAG E . -32.50 -11.35 11.12
C3 NAG E . -33.83 -12.08 11.28
C4 NAG E . -34.96 -11.27 10.64
C5 NAG E . -34.61 -10.93 9.20
C6 NAG E . -35.62 -10.01 8.54
C7 NAG E . -30.55 -11.67 12.58
C8 NAG E . -29.50 -12.63 13.04
N2 NAG E . -31.41 -12.15 11.68
O3 NAG E . -34.10 -12.29 12.66
O4 NAG E . -36.18 -12.00 10.67
O5 NAG E . -33.34 -10.24 9.15
O6 NAG E . -35.88 -10.40 7.20
O7 NAG E . -30.61 -10.52 12.99
C1 BMA E . -37.02 -11.68 11.81
C2 BMA E . -36.95 -10.16 12.20
C3 BMA E . -37.89 -9.91 13.38
C4 BMA E . -39.31 -10.39 13.04
C5 BMA E . -39.28 -11.88 12.67
C6 BMA E . -40.64 -12.42 12.28
O2 BMA E . -37.40 -9.32 11.14
O3 BMA E . -37.92 -8.54 13.75
O4 BMA E . -40.16 -10.19 14.16
O5 BMA E . -38.38 -12.07 11.55
C1 NAG F . -21.30 15.79 2.14
C2 NAG F . -20.43 15.89 0.92
C3 NAG F . -20.79 14.80 -0.07
C4 NAG F . -20.78 13.44 0.60
C5 NAG F . -21.56 13.44 1.91
C6 NAG F . -21.40 12.17 2.71
C7 NAG F . -19.57 18.09 0.33
C8 NAG F . -19.87 19.41 -0.35
N2 NAG F . -20.56 17.20 0.30
O3 NAG F . -19.84 14.84 -1.14
O4 NAG F . -21.40 12.50 -0.27
O5 NAG F . -21.14 14.53 2.75
O6 NAG F . -22.63 11.81 3.32
O7 NAG F . -18.50 17.85 0.84
C1 NAG F . -20.39 11.57 -0.71
C2 NAG F . -21.08 10.40 -1.38
C3 NAG F . -20.04 9.39 -1.86
C4 NAG F . -19.02 10.09 -2.76
C5 NAG F . -18.44 11.34 -2.10
C6 NAG F . -17.61 12.17 -3.05
C7 NAG F . -23.33 10.11 -0.44
C8 NAG F . -24.17 9.35 0.55
N2 NAG F . -22.03 9.76 -0.48
O3 NAG F . -20.69 8.36 -2.58
O4 NAG F . -17.96 9.18 -3.04
O5 NAG F . -19.50 12.19 -1.64
O6 NAG F . -18.27 13.36 -3.46
O7 NAG F . -23.80 10.99 -1.14
C1 NAG G . -8.96 -50.58 -3.19
C2 NAG G . -7.84 -51.38 -3.85
C3 NAG G . -6.62 -50.48 -4.07
C4 NAG G . -7.01 -49.22 -4.84
C5 NAG G . -8.18 -48.53 -4.12
C6 NAG G . -8.70 -47.32 -4.85
C7 NAG G . -7.99 -53.76 -3.23
C8 NAG G . -7.50 -54.83 -2.31
N2 NAG G . -7.47 -52.54 -3.04
O3 NAG G . -5.63 -51.22 -4.79
O4 NAG G . -5.93 -48.29 -4.93
O5 NAG G . -9.28 -49.45 -3.99
O6 NAG G . -10.01 -46.94 -4.43
O7 NAG G . -8.84 -53.99 -4.10
C1 NAG G . -5.04 -48.58 -6.04
C2 NAG G . -4.61 -47.28 -6.73
C3 NAG G . -3.59 -47.57 -7.84
C4 NAG G . -2.44 -48.40 -7.29
C5 NAG G . -2.96 -49.65 -6.59
C6 NAG G . -1.87 -50.46 -5.93
C7 NAG G . -6.24 -45.44 -6.70
C8 NAG G . -7.42 -44.83 -7.38
N2 NAG G . -5.76 -46.55 -7.27
O3 NAG G . -3.11 -46.36 -8.39
O4 NAG G . -1.57 -48.78 -8.35
O5 NAG G . -3.89 -49.28 -5.57
O6 NAG G . -2.38 -51.24 -4.86
O7 NAG G . -5.75 -44.96 -5.69
C1 NAG H . 0.96 -54.55 17.59
C2 NAG H . 1.61 -55.41 18.69
C3 NAG H . 2.64 -54.59 19.46
C4 NAG H . 3.64 -53.95 18.50
C5 NAG H . 2.89 -53.18 17.41
C6 NAG H . 3.78 -52.58 16.36
C7 NAG H . 0.57 -57.26 19.95
C8 NAG H . -0.52 -57.66 20.89
N2 NAG H . 0.61 -55.96 19.59
O3 NAG H . 3.34 -55.42 20.36
O4 NAG H . 4.47 -53.05 19.24
O5 NAG H . 1.98 -54.06 16.72
O6 NAG H . 3.65 -53.30 15.14
O7 NAG H . 1.39 -58.07 19.51
C1 NAG H . 5.89 -53.28 19.01
C2 NAG H . 6.63 -52.05 19.53
C3 NAG H . 8.13 -52.21 19.33
C4 NAG H . 8.63 -53.53 19.89
C5 NAG H . 7.76 -54.69 19.39
C6 NAG H . 8.10 -56.01 20.04
C7 NAG H . 5.45 -49.90 19.51
C8 NAG H . 5.05 -48.71 18.69
N2 NAG H . 6.15 -50.84 18.87
O3 NAG H . 8.81 -51.12 19.96
O4 NAG H . 9.98 -53.74 19.49
O5 NAG H . 6.38 -54.44 19.66
O6 NAG H . 7.13 -56.38 21.00
O7 NAG H . 5.13 -50.01 20.69
C1 BMA H . 10.83 -53.88 20.65
C2 BMA H . 11.81 -55.03 20.34
C3 BMA H . 12.73 -55.23 21.55
C4 BMA H . 13.37 -53.91 22.01
C5 BMA H . 12.33 -52.76 22.15
C6 BMA H . 12.95 -51.39 22.39
O2 BMA H . 12.67 -54.71 19.25
O3 BMA H . 13.74 -56.19 21.27
O4 BMA H . 14.01 -54.11 23.26
O5 BMA H . 11.53 -52.69 20.94
O6 BMA H . 14.20 -51.54 23.07
C1 NAG I . -5.54 -56.03 19.40
C2 NAG I . -6.72 -56.96 19.58
C3 NAG I . -6.25 -58.31 20.12
C4 NAG I . -5.09 -58.84 19.28
C5 NAG I . -4.04 -57.77 19.00
C6 NAG I . -2.98 -58.21 18.01
C7 NAG I . -8.59 -55.47 20.04
C8 NAG I . -9.51 -54.90 21.09
N2 NAG I . -7.71 -56.37 20.47
O3 NAG I . -7.36 -59.20 20.10
O4 NAG I . -4.45 -59.88 20.00
O5 NAG I . -4.64 -56.58 18.48
O6 NAG I . -3.46 -59.21 17.11
O7 NAG I . -8.63 -55.11 18.88
C1 NAG I . -4.83 -61.12 19.41
C2 NAG I . -4.00 -62.19 20.08
C3 NAG I . -4.38 -63.55 19.52
C4 NAG I . -5.88 -63.78 19.64
C5 NAG I . -6.67 -62.62 19.05
C6 NAG I . -8.15 -62.70 19.30
C7 NAG I . -1.79 -61.58 20.92
C8 NAG I . -0.34 -61.36 20.57
N2 NAG I . -2.58 -61.93 19.91
O3 NAG I . -3.66 -64.55 20.23
O4 NAG I . -6.24 -64.97 18.95
O5 NAG I . -6.22 -61.38 19.61
O6 NAG I . -8.56 -61.81 20.33
O7 NAG I . -2.20 -61.45 22.07
C1 BMA I . -6.57 -66.01 19.90
C2 BMA I . -6.96 -67.27 19.07
C3 BMA I . -7.07 -68.50 19.96
C4 BMA I . -5.84 -68.63 20.88
C5 BMA I . -5.71 -67.35 21.71
C6 BMA I . -4.55 -67.39 22.70
O2 BMA I . -5.96 -67.55 18.10
O3 BMA I . -7.23 -69.68 19.19
O4 BMA I . -5.98 -69.75 21.73
O5 BMA I . -5.49 -66.25 20.81
O6 BMA I . -4.77 -68.48 23.59
C1 NAG J . -27.07 -29.42 -6.82
C2 NAG J . -26.62 -29.50 -8.30
C3 NAG J . -27.79 -29.16 -9.22
C4 NAG J . -28.99 -30.04 -8.90
C5 NAG J . -29.35 -29.91 -7.42
C6 NAG J . -30.46 -30.82 -6.98
C7 NAG J . -24.22 -28.90 -8.21
C8 NAG J . -23.19 -27.89 -8.61
N2 NAG J . -25.48 -28.62 -8.57
O3 NAG J . -27.41 -29.32 -10.59
O4 NAG J . -30.11 -29.68 -9.71
O5 NAG J . -28.21 -30.25 -6.63
O6 NAG J . -29.95 -32.10 -6.60
O7 NAG J . -23.93 -29.92 -7.58
C1 NAG J . -30.37 -30.84 -10.52
C2 NAG J . -31.87 -31.03 -10.71
C3 NAG J . -32.13 -32.28 -11.54
C4 NAG J . -31.32 -32.26 -12.83
C5 NAG J . -29.86 -31.91 -12.59
C6 NAG J . -29.09 -31.66 -13.86
C7 NAG J . -33.86 -30.86 -9.27
C8 NAG J . -34.39 -30.98 -7.87
N2 NAG J . -32.55 -31.10 -9.43
O3 NAG J . -33.51 -32.40 -11.85
O4 NAG J . -31.41 -33.54 -13.45
O5 NAG J . -29.74 -30.71 -11.80
O6 NAG J . -28.51 -30.37 -13.89
O7 NAG J . -34.57 -30.54 -10.21
C1 GOL K . -11.33 1.07 17.20
O1 GOL K . -11.02 -0.25 16.88
C2 GOL K . -12.04 1.68 15.97
O2 GOL K . -13.28 1.10 15.74
C3 GOL K . -12.17 3.20 16.28
O3 GOL K . -12.71 3.79 15.16
#